data_5XWX
#
_entry.id   5XWX
#
_cell.length_a   63.851
_cell.length_b   118.062
_cell.length_c   122.842
_cell.angle_alpha   90.00
_cell.angle_beta   90.00
_cell.angle_gamma   90.00
#
_symmetry.space_group_name_H-M   'P 21 21 21'
#
loop_
_entity.id
_entity.type
_entity.pdbx_description
1 polymer 'Protein sidekick-1'
2 water water
#
_entity_poly.entity_id   1
_entity_poly.type   'polypeptide(L)'
_entity_poly.pdbx_seq_one_letter_code
;MARARPSVAGGGVAAPPERAGPGRPRRSRTGHHCDPECPGLRAAPRTPGPGAGRRAAKLRPGRGWWALLLLQLHLLRALA
QDDVAPYFKTEPGLPQIHLEGNRLVLTCLAEGSWPLEFKWIRNDSELTTYSSEYKYIIPSLQKLDAGFYRCVVRNRMGAL
LQRKSEIQVAYMGNFMDTDQRKTVSQGHAALLNLLPIVSCPQPQVTWFREGHKIIPSSRIAITLENQLVILATTASDAGA
YYVQAVNEKNGENKTSPFIHLSVARDTGTHEAMAPIIVVAPGNRSVVAGSSETTLECIANARPVEELSVHWKRNGVRLTS
GLHSYGRRLTITNPTSADTGMYVCEATLRGSTFEPARARAFLSIIEPPYFTAEPESRILGEVEETMDIPCRAMGVPLPTL
QWYKDAVPLSKLQNPRYKVLPSGGLHIQKLSPEDSGIFQCFASNEGGEVQTHTYLDVT
;
_entity_poly.pdbx_strand_id   A,B
#
# COMPACT_ATOMS: atom_id res chain seq x y z
N ASP A 83 19.22 -5.32 -31.01
CA ASP A 83 20.16 -5.71 -29.96
C ASP A 83 19.80 -5.08 -28.61
N VAL A 84 18.51 -5.08 -28.28
CA VAL A 84 18.07 -4.56 -26.98
C VAL A 84 17.56 -5.69 -26.10
N ALA A 85 18.25 -5.92 -24.98
CA ALA A 85 17.84 -7.01 -24.08
C ALA A 85 16.48 -6.71 -23.50
N PRO A 86 15.74 -7.77 -23.14
CA PRO A 86 14.41 -7.55 -22.55
C PRO A 86 14.49 -6.76 -21.27
N TYR A 87 13.51 -5.90 -21.04
CA TYR A 87 13.36 -5.19 -19.78
C TYR A 87 11.88 -5.02 -19.48
N PHE A 88 11.55 -4.84 -18.20
CA PHE A 88 10.18 -4.69 -17.81
C PHE A 88 9.73 -3.24 -17.83
N LYS A 89 8.57 -2.99 -18.41
CA LYS A 89 8.02 -1.64 -18.49
C LYS A 89 7.44 -1.22 -17.16
N THR A 90 6.86 -2.19 -16.46
CA THR A 90 6.29 -1.96 -15.13
C THR A 90 6.66 -3.12 -14.23
N GLU A 91 6.52 -2.89 -12.93
CA GLU A 91 6.80 -3.93 -11.95
C GLU A 91 5.55 -4.24 -11.13
N PRO A 92 5.46 -5.46 -10.60
CA PRO A 92 4.39 -5.79 -9.65
C PRO A 92 4.57 -5.07 -8.32
N GLY A 93 3.47 -4.83 -7.61
CA GLY A 93 3.53 -4.09 -6.37
C GLY A 93 3.30 -4.93 -5.12
N LEU A 94 2.60 -4.33 -4.16
CA LEU A 94 2.32 -4.88 -2.83
C LEU A 94 1.52 -6.19 -2.91
N PRO A 95 1.58 -7.04 -1.87
CA PRO A 95 0.71 -8.22 -1.85
C PRO A 95 -0.76 -7.85 -2.02
N GLN A 96 -1.54 -8.76 -2.60
CA GLN A 96 -2.97 -8.53 -2.82
C GLN A 96 -3.76 -9.73 -2.29
N ILE A 97 -4.89 -9.46 -1.63
CA ILE A 97 -5.80 -10.54 -1.23
C ILE A 97 -6.99 -10.56 -2.17
N HIS A 98 -7.28 -11.74 -2.69
CA HIS A 98 -8.35 -11.91 -3.68
C HIS A 98 -9.40 -12.87 -3.15
N LEU A 99 -10.64 -12.74 -3.62
CA LEU A 99 -11.70 -13.64 -3.18
C LEU A 99 -11.74 -14.93 -3.97
N GLU A 100 -12.02 -16.04 -3.29
CA GLU A 100 -12.24 -17.28 -4.02
C GLU A 100 -13.40 -17.07 -5.00
N GLY A 101 -13.25 -17.61 -6.21
CA GLY A 101 -14.26 -17.47 -7.23
C GLY A 101 -14.06 -16.27 -8.13
N ASN A 102 -13.22 -15.31 -7.71
CA ASN A 102 -12.95 -14.17 -8.57
C ASN A 102 -11.86 -14.43 -9.63
N ARG A 103 -11.88 -13.63 -10.68
CA ARG A 103 -10.87 -13.60 -11.73
C ARG A 103 -9.56 -12.95 -11.25
N LEU A 104 -8.44 -13.57 -11.57
CA LEU A 104 -7.10 -12.99 -11.38
C LEU A 104 -6.46 -12.77 -12.75
N VAL A 105 -5.97 -11.56 -12.95
CA VAL A 105 -5.25 -11.25 -14.19
C VAL A 105 -3.86 -10.77 -13.83
N LEU A 106 -2.86 -11.46 -14.35
CA LEU A 106 -1.48 -11.00 -14.25
C LEU A 106 -0.95 -10.62 -15.62
N THR A 107 -0.15 -9.58 -15.69
CA THR A 107 0.38 -9.15 -16.97
C THR A 107 1.89 -9.03 -16.87
N CYS A 108 2.53 -9.37 -17.97
CA CYS A 108 3.98 -9.34 -18.10
C CYS A 108 4.29 -8.31 -19.17
N LEU A 109 4.54 -7.07 -18.74
CA LEU A 109 4.72 -5.98 -19.68
C LEU A 109 6.19 -5.68 -19.83
N ALA A 110 6.72 -5.99 -21.01
CA ALA A 110 8.15 -5.92 -21.24
C ALA A 110 8.41 -5.32 -22.61
N GLU A 111 9.65 -4.92 -22.82
CA GLU A 111 10.06 -4.38 -24.11
C GLU A 111 11.44 -4.94 -24.41
N GLY A 112 11.90 -4.73 -25.63
CA GLY A 112 13.18 -5.26 -26.08
C GLY A 112 13.05 -5.77 -27.50
N SER A 113 14.16 -6.27 -28.04
CA SER A 113 14.17 -6.74 -29.41
C SER A 113 13.30 -7.96 -29.62
N TRP A 114 12.77 -8.02 -30.83
CA TRP A 114 12.03 -9.17 -31.30
C TRP A 114 12.89 -10.43 -31.29
N PRO A 115 12.30 -11.58 -30.95
CA PRO A 115 10.92 -11.81 -30.53
C PRO A 115 10.79 -11.95 -29.01
N LEU A 116 9.97 -11.11 -28.40
CA LEU A 116 9.70 -11.21 -26.97
C LEU A 116 8.72 -12.34 -26.72
N GLU A 117 9.08 -13.26 -25.84
CA GLU A 117 8.19 -14.32 -25.41
C GLU A 117 8.14 -14.42 -23.89
N PHE A 118 7.09 -15.05 -23.38
CA PHE A 118 6.78 -14.98 -21.96
C PHE A 118 6.39 -16.33 -21.41
N LYS A 119 6.73 -16.58 -20.15
CA LYS A 119 6.17 -17.73 -19.44
C LYS A 119 5.99 -17.40 -17.97
N TRP A 120 5.22 -18.23 -17.26
CA TRP A 120 4.83 -17.95 -15.90
C TRP A 120 5.25 -19.03 -14.91
N ILE A 121 5.58 -18.57 -13.72
CA ILE A 121 6.01 -19.40 -12.61
C ILE A 121 5.14 -19.13 -11.38
N ARG A 122 4.74 -20.19 -10.67
CA ARG A 122 4.14 -20.04 -9.34
C ARG A 122 5.00 -20.79 -8.34
N ASN A 123 5.40 -20.09 -7.28
CA ASN A 123 6.40 -20.61 -6.35
C ASN A 123 7.61 -21.09 -7.14
N ASP A 124 7.81 -22.40 -7.26
CA ASP A 124 8.95 -22.85 -8.05
C ASP A 124 8.55 -23.86 -9.12
N SER A 125 7.40 -23.63 -9.74
CA SER A 125 6.97 -24.48 -10.84
C SER A 125 6.57 -23.61 -12.02
N GLU A 126 6.89 -24.06 -13.22
CA GLU A 126 6.53 -23.31 -14.41
C GLU A 126 5.13 -23.73 -14.84
N LEU A 127 4.25 -22.73 -15.00
CA LEU A 127 2.85 -22.96 -15.31
C LEU A 127 2.57 -23.00 -16.79
N THR A 128 3.45 -22.36 -17.56
CA THR A 128 3.30 -22.30 -19.00
C THR A 128 4.66 -22.42 -19.67
N THR A 129 4.65 -22.69 -20.96
CA THR A 129 5.86 -22.64 -21.77
C THR A 129 5.90 -21.31 -22.52
N TYR A 130 7.05 -20.94 -23.05
CA TYR A 130 7.21 -19.66 -23.74
C TYR A 130 6.21 -19.46 -24.86
N SER A 131 5.58 -18.29 -24.88
CA SER A 131 4.75 -17.90 -26.01
C SER A 131 4.62 -16.39 -26.12
N SER A 132 3.93 -15.93 -27.15
CA SER A 132 3.72 -14.51 -27.34
C SER A 132 2.67 -13.92 -26.39
N GLU A 133 1.98 -14.79 -25.65
CA GLU A 133 0.98 -14.34 -24.68
C GLU A 133 1.65 -13.67 -23.50
N TYR A 134 1.22 -12.44 -23.18
CA TYR A 134 1.84 -11.67 -22.11
C TYR A 134 1.01 -11.68 -20.83
N LYS A 135 -0.11 -12.41 -20.83
CA LYS A 135 -0.94 -12.41 -19.63
C LYS A 135 -1.23 -13.81 -19.13
N TYR A 136 -1.49 -13.91 -17.84
CA TYR A 136 -1.85 -15.14 -17.19
C TYR A 136 -3.15 -14.89 -16.44
N ILE A 137 -4.18 -15.66 -16.75
CA ILE A 137 -5.48 -15.43 -16.13
C ILE A 137 -6.01 -16.68 -15.45
N ILE A 138 -6.49 -16.51 -14.21
CA ILE A 138 -7.22 -17.58 -13.53
C ILE A 138 -8.67 -17.11 -13.44
N PRO A 139 -9.57 -17.77 -14.19
CA PRO A 139 -10.97 -17.32 -14.26
C PRO A 139 -11.68 -17.32 -12.92
N SER A 140 -11.37 -18.32 -12.11
CA SER A 140 -12.07 -18.55 -10.85
C SER A 140 -11.11 -19.05 -9.78
N LEU A 141 -10.60 -18.13 -8.97
CA LEU A 141 -9.59 -18.45 -7.96
C LEU A 141 -10.03 -19.50 -6.96
N GLN A 142 -9.10 -20.42 -6.67
CA GLN A 142 -9.26 -21.38 -5.57
C GLN A 142 -8.19 -21.14 -4.50
N LYS A 143 -8.38 -21.71 -3.30
CA LYS A 143 -7.44 -21.53 -2.20
C LYS A 143 -6.00 -21.84 -2.57
N LEU A 144 -5.80 -22.93 -3.28
CA LEU A 144 -4.39 -23.26 -3.48
C LEU A 144 -3.82 -22.69 -4.79
N ASP A 145 -4.49 -21.64 -5.28
CA ASP A 145 -3.88 -20.74 -6.25
C ASP A 145 -3.03 -19.67 -5.56
N ALA A 146 -3.17 -19.59 -4.25
CA ALA A 146 -2.39 -18.63 -3.48
C ALA A 146 -0.91 -18.98 -3.60
N GLY A 147 -0.07 -17.96 -3.75
CA GLY A 147 1.36 -18.18 -3.83
C GLY A 147 2.06 -17.01 -4.48
N PHE A 148 3.30 -17.26 -4.88
CA PHE A 148 4.15 -16.22 -5.42
C PHE A 148 4.32 -16.43 -6.92
N TYR A 149 3.83 -15.46 -7.69
CA TYR A 149 3.85 -15.55 -9.16
C TYR A 149 4.91 -14.64 -9.76
N ARG A 150 5.63 -15.16 -10.76
CA ARG A 150 6.68 -14.43 -11.48
C ARG A 150 6.48 -14.64 -12.98
N CYS A 151 6.72 -13.64 -13.81
CA CYS A 151 6.83 -14.01 -15.21
C CYS A 151 8.30 -13.97 -15.62
N VAL A 152 8.59 -14.64 -16.73
CA VAL A 152 9.89 -14.61 -17.33
C VAL A 152 9.72 -14.07 -18.75
N VAL A 153 10.58 -13.14 -19.16
CA VAL A 153 10.53 -12.66 -20.53
C VAL A 153 11.85 -13.01 -21.21
N ARG A 154 11.79 -13.44 -22.46
CA ARG A 154 13.02 -13.75 -23.20
C ARG A 154 12.98 -13.21 -24.62
N ASN A 155 14.15 -12.90 -25.15
CA ASN A 155 14.29 -12.85 -26.60
C ASN A 155 15.54 -13.61 -26.98
N ARG A 156 16.13 -13.32 -28.14
CA ARG A 156 17.24 -14.12 -28.60
C ARG A 156 18.48 -13.88 -27.75
N MET A 157 18.49 -12.77 -27.03
CA MET A 157 19.67 -12.36 -26.26
C MET A 157 19.75 -13.04 -24.90
N GLY A 158 18.59 -13.34 -24.32
CA GLY A 158 18.57 -13.96 -23.01
C GLY A 158 17.20 -13.84 -22.35
N ALA A 159 17.14 -14.23 -21.09
CA ALA A 159 15.86 -14.25 -20.36
C ALA A 159 16.01 -13.56 -19.02
N LEU A 160 14.94 -12.92 -18.58
CA LEU A 160 14.93 -12.09 -17.40
C LEU A 160 13.75 -12.43 -16.50
N LEU A 161 14.04 -12.70 -15.23
CA LEU A 161 13.05 -13.07 -14.23
C LEU A 161 12.46 -11.81 -13.57
N GLN A 162 11.14 -11.69 -13.56
CA GLN A 162 10.49 -10.57 -12.87
C GLN A 162 10.45 -10.76 -11.35
N ARG A 163 10.40 -9.64 -10.63
CA ARG A 163 10.04 -9.59 -9.23
C ARG A 163 8.73 -10.35 -9.00
N LYS A 164 8.62 -11.00 -7.84
CA LYS A 164 7.42 -11.78 -7.49
C LYS A 164 6.18 -10.93 -7.20
N SER A 165 5.01 -11.46 -7.56
CA SER A 165 3.72 -10.96 -7.07
C SER A 165 3.22 -11.91 -5.98
N GLU A 166 2.89 -11.39 -4.81
CA GLU A 166 2.28 -12.24 -3.79
C GLU A 166 0.76 -12.21 -3.93
N ILE A 167 0.18 -13.38 -4.16
CA ILE A 167 -1.26 -13.54 -4.33
C ILE A 167 -1.81 -14.36 -3.17
N GLN A 168 -2.70 -13.75 -2.40
CA GLN A 168 -3.39 -14.45 -1.32
C GLN A 168 -4.86 -14.57 -1.67
N VAL A 169 -5.47 -15.69 -1.26
CA VAL A 169 -6.86 -15.96 -1.55
C VAL A 169 -7.61 -16.01 -0.22
N ALA A 170 -8.67 -15.20 -0.12
CA ALA A 170 -9.47 -15.16 1.10
C ALA A 170 -10.37 -16.38 1.19
N TYR A 171 -10.45 -16.93 2.39
CA TYR A 171 -11.33 -18.06 2.67
C TYR A 171 -11.55 -18.15 4.18
N MET A 172 -12.57 -18.91 4.55
CA MET A 172 -12.85 -19.19 5.95
C MET A 172 -13.32 -20.61 6.12
N GLY A 173 -12.58 -21.41 6.88
CA GLY A 173 -12.99 -22.77 7.15
C GLY A 173 -14.03 -22.83 8.25
N ASN A 174 -14.27 -24.04 8.75
CA ASN A 174 -15.20 -24.25 9.85
C ASN A 174 -14.47 -24.59 11.13
N PHE A 175 -15.08 -24.28 12.26
CA PHE A 175 -14.62 -24.81 13.53
C PHE A 175 -14.95 -26.30 13.57
N MET A 176 -14.13 -27.07 14.28
CA MET A 176 -14.55 -28.41 14.72
C MET A 176 -15.83 -28.28 15.56
N ASP A 177 -16.75 -29.22 15.38
CA ASP A 177 -17.98 -29.16 16.16
C ASP A 177 -17.88 -30.07 17.39
N THR A 178 -16.88 -29.77 18.21
CA THR A 178 -16.78 -30.48 19.47
C THR A 178 -16.34 -29.56 20.59
N ASP A 179 -17.11 -29.63 21.67
CA ASP A 179 -16.90 -28.80 22.85
C ASP A 179 -15.60 -29.18 23.56
N GLN A 180 -15.02 -28.21 24.25
CA GLN A 180 -13.83 -28.45 25.06
C GLN A 180 -14.17 -28.24 26.53
N ARG A 181 -13.33 -28.79 27.40
CA ARG A 181 -13.49 -28.55 28.84
C ARG A 181 -12.20 -28.05 29.44
N LYS A 182 -12.33 -27.16 30.42
CA LYS A 182 -11.18 -26.57 31.06
C LYS A 182 -11.52 -26.28 32.51
N THR A 183 -10.58 -26.54 33.42
CA THR A 183 -10.79 -26.21 34.82
C THR A 183 -9.69 -25.25 35.25
N VAL A 184 -10.03 -24.33 36.14
CA VAL A 184 -9.06 -23.42 36.71
C VAL A 184 -9.26 -23.34 38.22
N SER A 185 -8.16 -23.28 38.95
CA SER A 185 -8.22 -23.06 40.39
C SER A 185 -8.47 -21.60 40.70
N GLN A 186 -9.48 -21.35 41.53
CA GLN A 186 -9.88 -19.97 41.87
C GLN A 186 -8.70 -19.06 42.20
N GLY A 187 -8.71 -17.88 41.59
CA GLY A 187 -7.69 -16.88 41.85
C GLY A 187 -6.64 -16.85 40.76
N HIS A 188 -6.38 -18.00 40.16
CA HIS A 188 -5.45 -18.07 39.03
C HIS A 188 -6.13 -17.59 37.75
N ALA A 189 -5.32 -17.18 36.77
CA ALA A 189 -5.87 -16.77 35.49
C ALA A 189 -6.30 -17.95 34.63
N ALA A 190 -7.45 -17.79 33.97
CA ALA A 190 -7.87 -18.78 32.99
C ALA A 190 -7.57 -18.26 31.60
N LEU A 191 -6.77 -19.01 30.86
CA LEU A 191 -6.42 -18.64 29.49
C LEU A 191 -7.18 -19.54 28.54
N LEU A 192 -8.15 -18.95 27.83
CA LEU A 192 -8.97 -19.71 26.89
C LEU A 192 -8.53 -19.43 25.46
N ASN A 193 -7.99 -20.43 24.79
CA ASN A 193 -7.52 -20.21 23.43
C ASN A 193 -8.68 -20.17 22.44
N LEU A 194 -8.53 -19.35 21.41
CA LEU A 194 -9.43 -19.39 20.28
C LEU A 194 -9.46 -20.81 19.74
N LEU A 195 -10.66 -21.38 19.61
CA LEU A 195 -10.77 -22.71 19.02
C LEU A 195 -10.24 -22.68 17.58
N PRO A 196 -9.58 -23.77 17.14
CA PRO A 196 -8.93 -23.79 15.83
C PRO A 196 -9.88 -23.55 14.65
N ILE A 197 -9.49 -22.64 13.77
CA ILE A 197 -10.20 -22.40 12.52
C ILE A 197 -9.19 -21.88 11.49
N VAL A 198 -9.24 -22.41 10.27
CA VAL A 198 -8.33 -21.92 9.24
C VAL A 198 -9.04 -20.80 8.48
N SER A 199 -8.32 -19.72 8.25
CA SER A 199 -8.91 -18.53 7.64
C SER A 199 -7.84 -17.61 7.09
N CYS A 200 -8.15 -16.97 5.96
CA CYS A 200 -7.32 -15.91 5.39
C CYS A 200 -8.23 -14.75 4.99
N PRO A 201 -8.02 -13.56 5.57
CA PRO A 201 -7.06 -13.29 6.65
C PRO A 201 -7.53 -13.88 7.97
N GLN A 202 -6.76 -13.70 9.03
CA GLN A 202 -7.21 -14.14 10.35
C GLN A 202 -8.53 -13.43 10.69
N PRO A 203 -9.43 -14.15 11.37
CA PRO A 203 -10.75 -13.56 11.62
C PRO A 203 -10.73 -12.56 12.76
N GLN A 204 -11.66 -11.61 12.67
CA GLN A 204 -12.04 -10.79 13.80
C GLN A 204 -12.89 -11.65 14.74
N VAL A 205 -12.62 -11.54 16.04
CA VAL A 205 -13.21 -12.46 17.01
C VAL A 205 -13.96 -11.72 18.11
N THR A 206 -15.11 -12.24 18.48
CA THR A 206 -15.86 -11.75 19.62
C THR A 206 -16.13 -12.93 20.57
N TRP A 207 -15.74 -12.77 21.84
CA TRP A 207 -16.02 -13.78 22.86
C TRP A 207 -17.37 -13.57 23.53
N PHE A 208 -18.03 -14.67 23.85
CA PHE A 208 -19.38 -14.68 24.44
C PHE A 208 -19.48 -15.68 25.57
N ARG A 209 -20.43 -15.43 26.47
CA ARG A 209 -20.95 -16.48 27.34
C ARG A 209 -22.44 -16.24 27.50
N GLU A 210 -23.23 -17.27 27.21
CA GLU A 210 -24.69 -17.22 27.29
C GLU A 210 -25.30 -16.02 26.57
N GLY A 211 -24.77 -15.71 25.39
CA GLY A 211 -25.30 -14.64 24.57
C GLY A 211 -24.75 -13.26 24.87
N HIS A 212 -24.06 -13.14 25.99
CA HIS A 212 -23.47 -11.86 26.40
C HIS A 212 -22.02 -11.73 25.95
N LYS A 213 -21.66 -10.60 25.36
CA LYS A 213 -20.30 -10.36 24.95
C LYS A 213 -19.40 -10.21 26.17
N ILE A 214 -18.21 -10.81 26.08
CA ILE A 214 -17.20 -10.68 27.10
C ILE A 214 -16.34 -9.47 26.77
N ILE A 215 -16.36 -8.48 27.66
CA ILE A 215 -15.76 -7.16 27.43
C ILE A 215 -14.43 -7.01 28.17
N PRO A 216 -13.39 -6.53 27.49
CA PRO A 216 -12.18 -6.27 28.28
C PRO A 216 -12.41 -5.27 29.41
N SER A 217 -11.69 -5.50 30.50
CA SER A 217 -11.83 -4.77 31.75
C SER A 217 -10.56 -4.90 32.57
N SER A 218 -10.57 -4.39 33.81
CA SER A 218 -9.40 -4.54 34.68
C SER A 218 -9.12 -6.00 35.03
N ARG A 219 -10.12 -6.88 34.85
CA ARG A 219 -9.92 -8.32 35.12
C ARG A 219 -10.11 -9.24 33.90
N ILE A 220 -10.44 -8.68 32.75
CA ILE A 220 -10.64 -9.47 31.53
C ILE A 220 -9.76 -8.90 30.44
N ALA A 221 -8.86 -9.72 29.89
CA ALA A 221 -8.04 -9.32 28.74
C ALA A 221 -8.31 -10.22 27.54
N ILE A 222 -8.31 -9.66 26.35
CA ILE A 222 -8.34 -10.47 25.14
C ILE A 222 -7.05 -10.14 24.41
N THR A 223 -6.26 -11.16 24.08
CA THR A 223 -4.93 -10.90 23.54
C THR A 223 -4.98 -10.50 22.07
N LEU A 224 -3.83 -10.08 21.56
CA LEU A 224 -3.70 -9.73 20.14
C LEU A 224 -3.94 -10.96 19.26
N GLU A 225 -3.86 -12.15 19.86
CA GLU A 225 -4.13 -13.35 19.08
C GLU A 225 -5.47 -13.95 19.49
N ASN A 226 -6.30 -13.08 20.05
CA ASN A 226 -7.70 -13.35 20.37
C ASN A 226 -7.94 -14.46 21.39
N GLN A 227 -6.97 -14.64 22.27
CA GLN A 227 -7.13 -15.54 23.42
C GLN A 227 -7.88 -14.75 24.50
N LEU A 228 -8.85 -15.37 25.17
CA LEU A 228 -9.49 -14.74 26.32
C LEU A 228 -8.73 -15.07 27.61
N VAL A 229 -8.42 -14.03 28.38
CA VAL A 229 -7.73 -14.23 29.65
C VAL A 229 -8.57 -13.67 30.79
N ILE A 230 -9.00 -14.54 31.71
CA ILE A 230 -9.80 -14.11 32.84
C ILE A 230 -8.90 -14.08 34.07
N LEU A 231 -8.67 -12.89 34.63
CA LEU A 231 -7.77 -12.74 35.76
C LEU A 231 -8.48 -13.00 37.09
N ALA A 232 -7.73 -13.49 38.07
CA ALA A 232 -8.22 -13.59 39.44
C ALA A 232 -9.59 -14.26 39.48
N THR A 233 -9.66 -15.45 38.89
CA THR A 233 -10.94 -16.09 38.62
C THR A 233 -11.78 -16.27 39.88
N THR A 234 -13.09 -16.12 39.71
CA THR A 234 -14.02 -16.34 40.80
C THR A 234 -15.04 -17.39 40.39
N ALA A 235 -15.87 -17.84 41.33
CA ALA A 235 -16.85 -18.86 41.01
C ALA A 235 -17.77 -18.40 39.87
N SER A 236 -18.07 -17.11 39.85
CA SER A 236 -18.96 -16.54 38.83
C SER A 236 -18.41 -16.63 37.41
N ASP A 237 -17.13 -16.92 37.25
CA ASP A 237 -16.56 -17.04 35.90
C ASP A 237 -16.87 -18.38 35.24
N ALA A 238 -17.34 -19.34 36.01
CA ALA A 238 -17.66 -20.64 35.42
C ALA A 238 -18.75 -20.47 34.36
N GLY A 239 -18.58 -21.20 33.26
CA GLY A 239 -19.60 -21.17 32.22
C GLY A 239 -19.14 -21.65 30.87
N ALA A 240 -20.05 -21.54 29.90
CA ALA A 240 -19.78 -22.00 28.54
C ALA A 240 -19.40 -20.83 27.63
N TYR A 241 -18.13 -20.77 27.26
CA TYR A 241 -17.61 -19.65 26.48
C TYR A 241 -17.49 -20.05 25.01
N TYR A 242 -17.74 -19.11 24.09
CA TYR A 242 -17.63 -19.42 22.68
C TYR A 242 -17.28 -18.15 21.93
N VAL A 243 -16.92 -18.27 20.66
CA VAL A 243 -16.62 -17.07 19.86
C VAL A 243 -17.50 -17.01 18.62
N GLN A 244 -17.73 -15.79 18.18
CA GLN A 244 -18.17 -15.56 16.80
C GLN A 244 -16.97 -14.99 16.07
N ALA A 245 -16.65 -15.57 14.93
CA ALA A 245 -15.52 -15.16 14.13
C ALA A 245 -16.00 -14.64 12.78
N VAL A 246 -15.46 -13.51 12.35
CA VAL A 246 -15.82 -12.94 11.05
C VAL A 246 -14.60 -12.73 10.18
N ASN A 247 -14.70 -13.16 8.92
CA ASN A 247 -13.64 -12.87 7.95
C ASN A 247 -13.92 -11.50 7.32
N GLU A 248 -13.00 -10.54 7.52
CA GLU A 248 -13.23 -9.16 7.09
C GLU A 248 -13.28 -9.01 5.58
N LYS A 249 -12.64 -9.94 4.88
CA LYS A 249 -12.52 -9.85 3.44
C LYS A 249 -13.68 -10.49 2.68
N ASN A 250 -14.16 -11.65 3.13
CA ASN A 250 -15.26 -12.28 2.40
C ASN A 250 -16.58 -12.25 3.15
N GLY A 251 -16.56 -11.68 4.36
CA GLY A 251 -17.76 -11.46 5.15
C GLY A 251 -18.36 -12.66 5.86
N GLU A 252 -17.73 -13.82 5.72
CA GLU A 252 -18.26 -15.04 6.31
C GLU A 252 -18.11 -15.00 7.82
N ASN A 253 -19.09 -15.56 8.50
CA ASN A 253 -18.99 -15.65 9.94
C ASN A 253 -19.32 -17.04 10.42
N LYS A 254 -18.62 -17.44 11.48
CA LYS A 254 -18.79 -18.77 12.05
C LYS A 254 -18.89 -18.64 13.57
N THR A 255 -19.63 -19.56 14.18
CA THR A 255 -19.73 -19.63 15.63
C THR A 255 -19.04 -20.91 16.10
N SER A 256 -18.18 -20.78 17.11
CA SER A 256 -17.42 -21.93 17.60
C SER A 256 -18.22 -22.80 18.55
N PRO A 257 -17.74 -24.02 18.80
CA PRO A 257 -18.37 -24.70 19.92
C PRO A 257 -17.91 -24.09 21.26
N PHE A 258 -18.37 -24.69 22.35
CA PHE A 258 -18.10 -24.16 23.67
C PHE A 258 -16.78 -24.60 24.26
N ILE A 259 -16.18 -23.71 25.04
CA ILE A 259 -15.25 -24.13 26.08
C ILE A 259 -15.99 -24.05 27.41
N HIS A 260 -16.16 -25.18 28.06
CA HIS A 260 -16.88 -25.24 29.34
C HIS A 260 -15.86 -25.04 30.45
N LEU A 261 -15.86 -23.84 31.02
CA LEU A 261 -14.93 -23.48 32.08
C LEU A 261 -15.51 -23.77 33.45
N SER A 262 -14.80 -24.61 34.20
CA SER A 262 -15.16 -24.90 35.58
C SER A 262 -14.17 -24.18 36.47
N VAL A 263 -14.67 -23.60 37.55
CA VAL A 263 -13.80 -22.95 38.52
C VAL A 263 -13.83 -23.72 39.84
N ALA A 264 -12.67 -24.24 40.23
CA ALA A 264 -12.55 -24.96 41.48
C ALA A 264 -12.40 -23.95 42.61
N ARG A 265 -13.43 -23.85 43.44
CA ARG A 265 -13.47 -22.80 44.45
C ARG A 265 -12.42 -22.99 45.52
N ASP A 266 -11.94 -21.87 46.04
CA ASP A 266 -11.07 -21.88 47.20
C ASP A 266 -11.98 -21.71 48.38
N THR A 267 -12.11 -22.76 49.18
CA THR A 267 -13.05 -22.76 50.29
C THR A 267 -12.36 -22.35 51.59
N GLY A 268 -11.22 -21.68 51.45
CA GLY A 268 -10.56 -21.03 52.56
C GLY A 268 -10.71 -19.54 52.42
N THR A 269 -10.17 -18.79 53.38
CA THR A 269 -9.99 -17.35 53.42
C THR A 269 -9.25 -16.90 52.16
N HIS A 270 -9.71 -15.98 51.33
CA HIS A 270 -8.91 -15.54 50.18
C HIS A 270 -7.79 -14.60 50.61
N GLU A 271 -6.57 -14.98 50.24
CA GLU A 271 -5.44 -14.14 50.56
C GLU A 271 -4.88 -13.56 49.27
N ALA A 272 -4.12 -12.49 49.40
CA ALA A 272 -3.51 -11.85 48.25
C ALA A 272 -2.68 -12.85 47.45
N MET A 273 -2.67 -12.67 46.12
CA MET A 273 -1.83 -13.46 45.25
C MET A 273 -0.84 -12.56 44.50
N ALA A 274 0.44 -12.92 44.57
CA ALA A 274 1.53 -12.12 43.99
C ALA A 274 1.39 -11.99 42.49
N PRO A 275 1.87 -10.86 41.95
CA PRO A 275 1.80 -10.72 40.49
C PRO A 275 2.61 -11.77 39.76
N ILE A 276 2.06 -12.23 38.64
CA ILE A 276 2.75 -13.17 37.78
C ILE A 276 2.37 -12.83 36.34
N ILE A 277 3.35 -12.85 35.44
CA ILE A 277 3.09 -12.61 34.03
C ILE A 277 2.50 -13.87 33.39
N VAL A 278 1.28 -13.76 32.87
CA VAL A 278 0.67 -14.92 32.24
C VAL A 278 0.71 -14.87 30.71
N VAL A 279 0.83 -13.66 30.14
CA VAL A 279 1.17 -13.52 28.73
C VAL A 279 2.36 -12.56 28.64
N ALA A 280 3.50 -13.08 28.21
CA ALA A 280 4.72 -12.29 28.11
C ALA A 280 4.85 -11.66 26.74
N PRO A 281 5.49 -10.50 26.67
CA PRO A 281 5.59 -9.77 25.40
C PRO A 281 6.52 -10.42 24.36
N GLY A 282 7.54 -11.15 24.79
CA GLY A 282 8.48 -11.71 23.81
C GLY A 282 9.21 -10.66 22.98
N ASN A 283 9.82 -11.07 21.86
CA ASN A 283 10.59 -10.14 21.02
C ASN A 283 9.88 -9.76 19.72
N ARG A 284 10.27 -8.61 19.16
CA ARG A 284 9.61 -8.06 18.00
C ARG A 284 10.60 -7.49 16.99
N SER A 285 10.45 -7.90 15.74
CA SER A 285 11.23 -7.37 14.65
C SER A 285 10.29 -6.70 13.65
N VAL A 286 10.59 -5.45 13.30
CA VAL A 286 9.77 -4.74 12.32
C VAL A 286 10.62 -4.21 11.19
N VAL A 287 10.03 -4.14 10.00
CA VAL A 287 10.73 -3.60 8.85
C VAL A 287 10.76 -2.08 9.00
N ALA A 288 11.91 -1.48 8.72
CA ALA A 288 12.05 -0.03 8.78
C ALA A 288 10.92 0.66 8.01
N GLY A 289 10.38 1.74 8.55
CA GLY A 289 9.29 2.46 7.92
C GLY A 289 7.91 2.02 8.38
N SER A 290 7.83 0.94 9.14
CA SER A 290 6.56 0.45 9.69
C SER A 290 5.83 1.56 10.46
N SER A 291 4.51 1.56 10.35
CA SER A 291 3.71 2.60 10.98
C SER A 291 3.59 2.41 12.50
N GLU A 292 3.56 1.17 12.95
CA GLU A 292 3.42 0.90 14.38
C GLU A 292 3.69 -0.56 14.68
N THR A 293 4.06 -0.83 15.93
CA THR A 293 4.12 -2.20 16.42
C THR A 293 3.66 -2.17 17.87
N THR A 294 3.04 -3.26 18.31
CA THR A 294 2.46 -3.28 19.66
C THR A 294 2.94 -4.47 20.44
N LEU A 295 3.44 -4.21 21.65
CA LEU A 295 3.86 -5.24 22.59
C LEU A 295 2.73 -5.48 23.58
N GLU A 296 2.60 -6.71 24.07
CA GLU A 296 1.50 -7.04 24.97
C GLU A 296 2.00 -7.83 26.19
N CYS A 297 1.57 -7.42 27.37
CA CYS A 297 2.00 -8.05 28.62
C CYS A 297 0.80 -8.14 29.56
N ILE A 298 0.44 -9.35 29.96
CA ILE A 298 -0.75 -9.52 30.77
C ILE A 298 -0.35 -10.23 32.04
N ALA A 299 -0.71 -9.66 33.18
CA ALA A 299 -0.35 -10.21 34.46
C ALA A 299 -1.58 -10.59 35.27
N ASN A 300 -1.41 -11.58 36.14
CA ASN A 300 -2.41 -11.93 37.14
C ASN A 300 -1.97 -11.50 38.53
N ALA A 301 -2.95 -11.13 39.36
CA ALA A 301 -2.72 -10.92 40.79
C ALA A 301 -4.07 -10.85 41.48
N ARG A 302 -4.07 -10.88 42.80
CA ARG A 302 -5.32 -10.73 43.55
C ARG A 302 -5.05 -9.96 44.83
N PRO A 303 -5.85 -8.93 45.14
CA PRO A 303 -7.02 -8.43 44.40
C PRO A 303 -6.64 -7.72 43.11
N VAL A 304 -7.32 -8.07 42.03
CA VAL A 304 -6.88 -7.63 40.71
C VAL A 304 -7.08 -6.12 40.56
N GLU A 305 -7.97 -5.56 41.37
CA GLU A 305 -8.23 -4.13 41.34
C GLU A 305 -7.00 -3.32 41.77
N GLU A 306 -6.09 -3.98 42.49
CA GLU A 306 -4.85 -3.34 42.93
C GLU A 306 -3.66 -3.66 42.03
N LEU A 307 -3.91 -4.39 40.95
CA LEU A 307 -2.83 -4.70 40.00
C LEU A 307 -2.56 -3.53 39.08
N SER A 308 -1.27 -3.20 38.89
CA SER A 308 -0.85 -2.24 37.87
C SER A 308 0.16 -2.87 36.91
N VAL A 309 -0.02 -2.66 35.62
CA VAL A 309 0.99 -3.08 34.65
C VAL A 309 1.59 -1.83 34.04
N HIS A 310 2.91 -1.70 34.12
CA HIS A 310 3.61 -0.56 33.54
C HIS A 310 4.72 -1.02 32.60
N TRP A 311 5.17 -0.11 31.75
CA TRP A 311 6.29 -0.37 30.85
C TRP A 311 7.46 0.53 31.14
N LYS A 312 8.66 -0.03 31.07
CA LYS A 312 9.86 0.77 31.28
C LYS A 312 10.81 0.66 30.11
N ARG A 313 11.49 1.78 29.86
CA ARG A 313 12.49 1.87 28.81
C ARG A 313 13.66 2.62 29.42
N ASN A 314 14.83 1.98 29.44
CA ASN A 314 16.00 2.53 30.13
C ASN A 314 15.72 2.93 31.58
N GLY A 315 14.91 2.13 32.28
CA GLY A 315 14.63 2.34 33.68
C GLY A 315 13.54 3.35 33.99
N VAL A 316 13.10 4.07 32.97
CA VAL A 316 12.08 5.11 33.12
C VAL A 316 10.72 4.61 32.66
N ARG A 317 9.67 4.93 33.40
CA ARG A 317 8.32 4.50 33.00
C ARG A 317 7.85 5.25 31.75
N LEU A 318 7.30 4.50 30.80
CA LEU A 318 6.74 5.08 29.60
C LEU A 318 5.35 5.64 29.86
N THR A 319 5.07 6.78 29.22
CA THR A 319 3.81 7.50 29.40
C THR A 319 3.17 7.85 28.05
N SER A 320 3.54 7.12 27.02
CA SER A 320 2.88 7.27 25.71
C SER A 320 2.75 5.89 25.05
N GLY A 321 1.75 5.75 24.20
CA GLY A 321 1.47 4.50 23.51
C GLY A 321 0.82 3.45 24.38
N LEU A 322 0.28 3.86 25.52
CA LEU A 322 -0.32 2.91 26.48
C LEU A 322 -1.80 2.64 26.20
N HIS A 323 -2.19 1.36 26.19
CA HIS A 323 -3.59 1.00 25.99
C HIS A 323 -3.93 -0.27 26.74
N SER A 324 -5.23 -0.53 26.90
CA SER A 324 -5.71 -1.79 27.48
C SER A 324 -5.21 -2.05 28.89
N TYR A 325 -5.50 -1.14 29.83
CA TYR A 325 -5.19 -1.31 31.24
C TYR A 325 -3.71 -1.60 31.46
N GLY A 326 -2.88 -0.92 30.69
CA GLY A 326 -1.43 -1.03 30.81
C GLY A 326 -0.84 -2.22 30.09
N ARG A 327 -1.70 -3.08 29.53
CA ARG A 327 -1.24 -4.34 28.96
C ARG A 327 -0.62 -4.18 27.58
N ARG A 328 -0.87 -3.07 26.91
CA ARG A 328 -0.33 -2.92 25.56
C ARG A 328 0.47 -1.64 25.46
N LEU A 329 1.61 -1.75 24.79
CA LEU A 329 2.50 -0.62 24.50
C LEU A 329 2.69 -0.54 23.01
N THR A 330 2.20 0.53 22.40
CA THR A 330 2.35 0.71 20.96
C THR A 330 3.50 1.68 20.71
N ILE A 331 4.44 1.25 19.88
CA ILE A 331 5.52 2.10 19.42
C ILE A 331 5.18 2.56 18.00
N THR A 332 5.03 3.87 17.82
CA THR A 332 4.61 4.43 16.55
C THR A 332 5.81 4.87 15.73
N ASN A 333 5.77 4.55 14.43
CA ASN A 333 6.87 4.83 13.50
C ASN A 333 8.21 4.50 14.10
N PRO A 334 8.42 3.22 14.45
CA PRO A 334 9.66 2.87 15.15
C PRO A 334 10.88 3.15 14.30
N THR A 335 11.90 3.75 14.93
CA THR A 335 13.20 4.00 14.29
C THR A 335 14.31 3.45 15.18
N SER A 336 15.56 3.67 14.78
CA SER A 336 16.70 3.11 15.51
C SER A 336 16.75 3.60 16.94
N ALA A 337 16.16 4.77 17.21
CA ALA A 337 16.10 5.33 18.54
C ALA A 337 15.25 4.45 19.46
N ASP A 338 14.28 3.76 18.88
CA ASP A 338 13.34 2.94 19.65
C ASP A 338 13.81 1.51 19.89
N THR A 339 14.91 1.08 19.26
CA THR A 339 15.28 -0.33 19.35
C THR A 339 15.93 -0.67 20.68
N GLY A 340 15.87 -1.94 21.06
CA GLY A 340 16.43 -2.39 22.31
C GLY A 340 15.38 -2.96 23.26
N MET A 341 15.73 -2.95 24.55
CA MET A 341 14.93 -3.65 25.55
C MET A 341 13.81 -2.79 26.13
N TYR A 342 12.65 -3.41 26.31
CA TYR A 342 11.53 -2.82 27.01
C TYR A 342 11.20 -3.76 28.15
N VAL A 343 10.73 -3.22 29.27
CA VAL A 343 10.42 -4.07 30.41
C VAL A 343 8.99 -3.86 30.85
N CYS A 344 8.24 -4.96 30.92
CA CYS A 344 6.90 -4.95 31.50
C CYS A 344 7.02 -5.23 33.00
N GLU A 345 6.34 -4.44 33.82
CA GLU A 345 6.46 -4.60 35.26
C GLU A 345 5.06 -4.64 35.89
N ALA A 346 4.77 -5.72 36.60
CA ALA A 346 3.45 -5.89 37.21
C ALA A 346 3.54 -5.82 38.72
N THR A 347 2.75 -4.92 39.32
CA THR A 347 2.83 -4.60 40.73
C THR A 347 1.48 -4.80 41.39
N LEU A 348 1.46 -5.36 42.60
CA LEU A 348 0.25 -5.39 43.39
C LEU A 348 0.31 -4.29 44.45
N ARG A 349 -0.46 -3.23 44.24
CA ARG A 349 -0.46 -2.10 45.18
C ARG A 349 -0.98 -2.52 46.54
N GLY A 350 -0.46 -1.89 47.59
CA GLY A 350 -0.84 -2.26 48.94
C GLY A 350 -0.19 -3.54 49.40
N SER A 351 0.77 -4.04 48.61
CA SER A 351 1.51 -5.25 48.96
C SER A 351 2.99 -4.96 48.97
N THR A 352 3.77 -5.86 49.57
CA THR A 352 5.22 -5.75 49.50
C THR A 352 5.80 -6.85 48.62
N PHE A 353 4.96 -7.49 47.80
CA PHE A 353 5.45 -8.47 46.85
C PHE A 353 6.40 -7.81 45.86
N GLU A 354 7.50 -8.48 45.54
CA GLU A 354 8.34 -8.03 44.43
C GLU A 354 7.49 -7.98 43.17
N PRO A 355 7.72 -6.98 42.33
CA PRO A 355 6.98 -6.95 41.06
C PRO A 355 7.36 -8.09 40.14
N ALA A 356 6.45 -8.51 39.28
CA ALA A 356 6.77 -9.47 38.24
C ALA A 356 7.25 -8.69 37.03
N ARG A 357 8.28 -9.21 36.37
CA ARG A 357 8.86 -8.52 35.23
C ARG A 357 9.10 -9.44 34.04
N ALA A 358 8.96 -8.89 32.84
CA ALA A 358 9.29 -9.61 31.61
C ALA A 358 9.95 -8.64 30.65
N ARG A 359 10.96 -9.12 29.92
CA ARG A 359 11.68 -8.28 28.97
C ARG A 359 11.26 -8.56 27.53
N ALA A 360 11.20 -7.48 26.74
CA ALA A 360 10.92 -7.55 25.31
C ALA A 360 11.99 -6.77 24.54
N PHE A 361 12.44 -7.30 23.41
CA PHE A 361 13.43 -6.59 22.61
C PHE A 361 12.88 -6.23 21.23
N LEU A 362 12.98 -4.96 20.88
CA LEU A 362 12.53 -4.48 19.59
C LEU A 362 13.71 -4.27 18.66
N SER A 363 13.62 -4.79 17.46
CA SER A 363 14.70 -4.64 16.48
C SER A 363 14.12 -4.23 15.14
N ILE A 364 14.97 -3.65 14.29
CA ILE A 364 14.50 -3.18 12.99
C ILE A 364 15.22 -3.92 11.88
N ILE A 365 14.42 -4.40 10.92
CA ILE A 365 14.93 -5.00 9.70
C ILE A 365 15.09 -3.91 8.65
N GLU A 366 16.28 -3.80 8.09
CA GLU A 366 16.56 -2.84 7.02
C GLU A 366 16.64 -3.61 5.71
N PRO A 367 15.72 -3.33 4.77
CA PRO A 367 15.65 -4.07 3.50
C PRO A 367 16.93 -3.93 2.70
N PRO A 368 17.17 -4.86 1.78
CA PRO A 368 18.44 -4.83 1.04
C PRO A 368 18.51 -3.68 0.05
N TYR A 369 19.72 -3.20 -0.16
CA TYR A 369 20.02 -2.26 -1.25
C TYR A 369 21.38 -2.59 -1.80
N PHE A 370 21.58 -2.34 -3.10
CA PHE A 370 22.87 -2.64 -3.70
C PHE A 370 23.90 -1.58 -3.39
N THR A 371 25.09 -2.05 -3.03
CA THR A 371 26.26 -1.18 -2.91
C THR A 371 27.18 -1.33 -4.13
N ALA A 372 26.98 -2.41 -4.90
CA ALA A 372 27.64 -2.58 -6.19
C ALA A 372 26.71 -3.30 -7.14
N GLU A 373 26.46 -2.70 -8.30
CA GLU A 373 25.76 -3.39 -9.39
C GLU A 373 26.71 -3.56 -10.56
N PRO A 374 26.48 -4.59 -11.39
CA PRO A 374 27.28 -4.70 -12.60
C PRO A 374 26.86 -3.63 -13.61
N GLU A 375 27.68 -3.38 -14.62
CA GLU A 375 27.21 -2.54 -15.71
C GLU A 375 26.06 -3.27 -16.41
N SER A 376 25.15 -2.50 -17.02
CA SER A 376 24.00 -3.07 -17.72
C SER A 376 24.40 -3.99 -18.84
N ARG A 377 25.54 -3.69 -19.46
CA ARG A 377 26.08 -4.52 -20.52
C ARG A 377 27.56 -4.74 -20.30
N ILE A 378 27.99 -5.99 -20.48
CA ILE A 378 29.40 -6.31 -20.34
C ILE A 378 29.87 -7.11 -21.57
N LEU A 379 31.09 -6.84 -22.01
CA LEU A 379 31.68 -7.56 -23.14
C LEU A 379 32.80 -8.46 -22.67
N GLY A 380 32.77 -9.72 -23.09
CA GLY A 380 33.85 -10.63 -22.75
C GLY A 380 34.46 -11.27 -23.98
N GLU A 381 35.73 -11.67 -23.86
CA GLU A 381 36.32 -12.41 -24.97
C GLU A 381 36.47 -13.88 -24.59
N VAL A 382 36.16 -14.73 -25.56
CA VAL A 382 36.22 -16.17 -25.36
C VAL A 382 37.59 -16.59 -24.82
N GLU A 383 37.55 -17.53 -23.88
CA GLU A 383 38.72 -18.07 -23.17
C GLU A 383 39.25 -17.16 -22.05
N GLU A 384 38.78 -15.92 -21.99
CA GLU A 384 39.21 -15.02 -20.92
C GLU A 384 38.32 -15.18 -19.69
N THR A 385 38.64 -14.45 -18.62
CA THR A 385 37.82 -14.53 -17.42
C THR A 385 36.87 -13.34 -17.36
N MET A 386 35.87 -13.43 -16.49
CA MET A 386 34.90 -12.36 -16.32
C MET A 386 34.48 -12.25 -14.86
N ASP A 387 34.49 -11.03 -14.34
CA ASP A 387 33.99 -10.79 -12.99
C ASP A 387 32.76 -9.91 -13.05
N ILE A 388 31.65 -10.44 -12.55
CA ILE A 388 30.38 -9.69 -12.51
C ILE A 388 30.06 -9.29 -11.09
N PRO A 389 30.19 -8.00 -10.79
CA PRO A 389 29.99 -7.56 -9.41
C PRO A 389 28.54 -7.56 -8.97
N CYS A 390 28.34 -7.83 -7.68
CA CYS A 390 27.06 -7.67 -7.03
C CYS A 390 27.33 -7.66 -5.54
N ARG A 391 26.98 -6.57 -4.89
CA ARG A 391 27.13 -6.44 -3.45
C ARG A 391 25.94 -5.69 -2.90
N ALA A 392 25.44 -6.15 -1.77
CA ALA A 392 24.28 -5.55 -1.15
C ALA A 392 24.44 -5.46 0.37
N MET A 393 23.82 -4.43 0.93
CA MET A 393 23.81 -4.19 2.37
C MET A 393 22.37 -4.25 2.86
N GLY A 394 22.21 -4.34 4.17
CA GLY A 394 20.90 -4.42 4.79
C GLY A 394 21.11 -5.02 6.16
N VAL A 395 20.04 -5.06 6.96
CA VAL A 395 20.09 -5.65 8.29
C VAL A 395 18.90 -6.59 8.46
N PRO A 396 19.16 -7.91 8.58
CA PRO A 396 20.47 -8.56 8.54
C PRO A 396 21.08 -8.52 7.15
N LEU A 397 22.36 -8.85 7.07
CA LEU A 397 23.02 -8.79 5.77
C LEU A 397 22.30 -9.70 4.81
N PRO A 398 21.97 -9.13 3.65
CA PRO A 398 21.21 -9.86 2.64
C PRO A 398 21.97 -11.06 2.08
N THR A 399 21.22 -12.09 1.70
CA THR A 399 21.77 -13.20 0.97
C THR A 399 21.64 -12.94 -0.54
N LEU A 400 22.64 -13.35 -1.31
CA LEU A 400 22.62 -13.14 -2.76
C LEU A 400 22.39 -14.45 -3.47
N GLN A 401 21.61 -14.38 -4.55
CA GLN A 401 21.35 -15.55 -5.37
C GLN A 401 21.48 -15.15 -6.84
N TRP A 402 22.27 -15.92 -7.59
CA TRP A 402 22.47 -15.66 -9.01
C TRP A 402 21.64 -16.55 -9.92
N TYR A 403 21.20 -15.96 -11.03
CA TYR A 403 20.53 -16.67 -12.11
C TYR A 403 21.21 -16.37 -13.44
N LYS A 404 21.19 -17.32 -14.36
CA LYS A 404 21.52 -17.04 -15.75
C LYS A 404 20.31 -17.39 -16.62
N ASP A 405 19.83 -16.39 -17.38
CA ASP A 405 18.64 -16.56 -18.21
C ASP A 405 17.50 -17.24 -17.44
N ALA A 406 17.26 -16.72 -16.24
CA ALA A 406 16.12 -17.09 -15.40
C ALA A 406 16.22 -18.50 -14.80
N VAL A 407 17.40 -19.10 -14.90
CA VAL A 407 17.68 -20.37 -14.23
C VAL A 407 18.68 -20.16 -13.11
N PRO A 408 18.36 -20.62 -11.89
CA PRO A 408 19.30 -20.40 -10.77
C PRO A 408 20.62 -21.13 -10.97
N LEU A 409 21.72 -20.47 -10.60
CA LEU A 409 23.04 -21.08 -10.73
C LEU A 409 23.13 -22.34 -9.87
N SER A 410 22.36 -22.40 -8.79
CA SER A 410 22.33 -23.59 -7.94
C SER A 410 21.80 -24.82 -8.69
N LYS A 411 20.97 -24.60 -9.70
CA LYS A 411 20.46 -25.71 -10.52
C LYS A 411 21.36 -26.02 -11.72
N LEU A 412 21.99 -24.99 -12.27
CA LEU A 412 22.84 -25.15 -13.43
C LEU A 412 24.10 -25.95 -13.12
N GLN A 413 24.54 -25.89 -11.87
CA GLN A 413 25.77 -26.54 -11.38
C GLN A 413 26.93 -26.44 -12.38
N ASN A 414 27.13 -25.24 -12.92
CA ASN A 414 28.22 -25.02 -13.86
C ASN A 414 29.53 -24.86 -13.10
N PRO A 415 30.49 -25.77 -13.32
CA PRO A 415 31.77 -25.76 -12.61
C PRO A 415 32.58 -24.50 -12.86
N ARG A 416 32.31 -23.80 -13.97
CA ARG A 416 33.05 -22.58 -14.29
C ARG A 416 32.46 -21.32 -13.65
N TYR A 417 31.26 -21.43 -13.09
CA TYR A 417 30.64 -20.28 -12.43
C TYR A 417 30.92 -20.30 -10.93
N LYS A 418 31.72 -19.35 -10.46
CA LYS A 418 32.07 -19.31 -9.05
C LYS A 418 31.42 -18.10 -8.40
N VAL A 419 30.52 -18.35 -7.46
CA VAL A 419 29.90 -17.27 -6.69
C VAL A 419 30.83 -16.93 -5.54
N LEU A 420 31.23 -15.66 -5.46
CA LEU A 420 32.13 -15.22 -4.42
C LEU A 420 31.32 -14.92 -3.18
N PRO A 421 31.74 -15.45 -2.02
CA PRO A 421 31.11 -15.28 -0.71
C PRO A 421 30.62 -13.85 -0.44
N SER A 422 31.41 -12.86 -0.82
CA SER A 422 31.07 -11.44 -0.66
C SER A 422 30.07 -10.94 -1.70
N GLY A 423 29.88 -11.68 -2.79
CA GLY A 423 28.84 -11.33 -3.74
C GLY A 423 29.00 -11.59 -5.24
N GLY A 424 30.14 -11.20 -5.78
CA GLY A 424 30.33 -11.24 -7.22
C GLY A 424 30.26 -12.62 -7.84
N LEU A 425 30.19 -12.65 -9.16
CA LEU A 425 30.29 -13.91 -9.89
C LEU A 425 31.59 -13.88 -10.68
N HIS A 426 32.35 -14.97 -10.59
CA HIS A 426 33.58 -15.10 -11.35
C HIS A 426 33.42 -16.22 -12.35
N ILE A 427 33.63 -15.90 -13.62
CA ILE A 427 33.57 -16.91 -14.67
C ILE A 427 34.95 -17.20 -15.24
N GLN A 428 35.34 -18.47 -15.16
CA GLN A 428 36.56 -18.99 -15.75
C GLN A 428 36.31 -19.28 -17.22
N LYS A 429 37.30 -19.01 -18.07
CA LYS A 429 37.31 -19.51 -19.45
C LYS A 429 35.99 -19.27 -20.17
N LEU A 430 35.72 -18.03 -20.52
CA LEU A 430 34.48 -17.66 -21.18
C LEU A 430 34.23 -18.49 -22.43
N SER A 431 32.97 -18.89 -22.60
CA SER A 431 32.53 -19.68 -23.75
C SER A 431 31.40 -18.92 -24.44
N PRO A 432 31.16 -19.20 -25.73
CA PRO A 432 30.04 -18.50 -26.38
C PRO A 432 28.70 -18.74 -25.67
N GLU A 433 28.55 -19.89 -25.03
CA GLU A 433 27.33 -20.25 -24.32
C GLU A 433 27.06 -19.35 -23.11
N ASP A 434 28.10 -18.66 -22.64
CA ASP A 434 27.97 -17.79 -21.48
C ASP A 434 27.26 -16.48 -21.78
N SER A 435 27.13 -16.14 -23.06
CA SER A 435 26.37 -14.96 -23.43
C SER A 435 24.95 -15.09 -22.89
N GLY A 436 24.40 -13.98 -22.42
CA GLY A 436 23.05 -13.98 -21.92
C GLY A 436 22.90 -13.08 -20.72
N ILE A 437 21.79 -13.22 -20.01
CA ILE A 437 21.51 -12.34 -18.91
C ILE A 437 21.86 -13.01 -17.60
N PHE A 438 22.68 -12.33 -16.80
CA PHE A 438 22.98 -12.75 -15.44
C PHE A 438 22.27 -11.82 -14.47
N GLN A 439 21.60 -12.42 -13.51
CA GLN A 439 20.73 -11.69 -12.64
C GLN A 439 21.14 -11.99 -11.19
N CYS A 440 21.30 -10.96 -10.38
CA CYS A 440 21.66 -11.10 -8.97
C CYS A 440 20.54 -10.58 -8.09
N PHE A 441 19.99 -11.45 -7.23
CA PHE A 441 18.94 -11.07 -6.29
C PHE A 441 19.52 -10.97 -4.89
N ALA A 442 19.17 -9.90 -4.17
CA ALA A 442 19.57 -9.72 -2.78
C ALA A 442 18.33 -9.71 -1.90
N SER A 443 18.33 -10.50 -0.84
CA SER A 443 17.13 -10.57 -0.03
C SER A 443 17.41 -10.77 1.44
N ASN A 444 16.51 -10.22 2.26
CA ASN A 444 16.41 -10.58 3.67
C ASN A 444 14.94 -10.49 4.05
N GLU A 445 14.66 -10.58 5.35
CA GLU A 445 13.27 -10.62 5.84
C GLU A 445 12.48 -9.36 5.47
N GLY A 446 13.19 -8.27 5.15
CA GLY A 446 12.54 -7.01 4.81
C GLY A 446 12.20 -6.83 3.34
N GLY A 447 12.74 -7.70 2.48
CA GLY A 447 12.40 -7.62 1.07
C GLY A 447 13.49 -8.14 0.13
N GLU A 448 13.26 -7.95 -1.16
CA GLU A 448 14.14 -8.47 -2.19
C GLU A 448 14.39 -7.40 -3.25
N VAL A 449 15.64 -7.26 -3.69
CA VAL A 449 15.96 -6.38 -4.80
C VAL A 449 16.73 -7.18 -5.84
N GLN A 450 16.80 -6.66 -7.07
CA GLN A 450 17.49 -7.40 -8.11
C GLN A 450 18.23 -6.45 -9.03
N THR A 451 19.31 -6.97 -9.59
CA THR A 451 20.05 -6.25 -10.62
C THR A 451 20.46 -7.26 -11.68
N HIS A 452 20.80 -6.80 -12.88
CA HIS A 452 21.20 -7.74 -13.91
C HIS A 452 22.12 -7.13 -14.93
N THR A 453 22.75 -7.98 -15.72
CA THR A 453 23.59 -7.54 -16.81
C THR A 453 23.36 -8.45 -17.99
N TYR A 454 23.61 -7.93 -19.18
CA TYR A 454 23.66 -8.74 -20.37
C TYR A 454 25.11 -8.89 -20.76
N LEU A 455 25.57 -10.13 -20.77
CA LEU A 455 26.94 -10.46 -21.16
C LEU A 455 27.01 -10.90 -22.61
N ASP A 456 27.88 -10.25 -23.37
CA ASP A 456 28.11 -10.60 -24.77
C ASP A 456 29.52 -11.15 -24.93
N VAL A 457 29.62 -12.44 -25.22
CA VAL A 457 30.91 -13.09 -25.38
C VAL A 457 31.31 -13.19 -26.84
N THR A 458 32.45 -12.58 -27.19
CA THR A 458 33.01 -12.71 -28.53
C THR A 458 34.52 -12.91 -28.46
N ASP B 83 -24.62 2.84 26.93
CA ASP B 83 -23.61 2.18 27.74
C ASP B 83 -22.23 2.28 27.08
N VAL B 84 -22.00 1.45 26.07
CA VAL B 84 -20.78 1.53 25.28
C VAL B 84 -21.12 2.08 23.90
N ALA B 85 -20.65 3.29 23.59
CA ALA B 85 -20.92 3.89 22.28
C ALA B 85 -20.24 3.08 21.20
N PRO B 86 -20.83 3.04 20.00
CA PRO B 86 -20.22 2.24 18.92
C PRO B 86 -18.82 2.74 18.56
N TYR B 87 -17.96 1.81 18.20
CA TYR B 87 -16.62 2.15 17.73
C TYR B 87 -16.18 1.09 16.75
N PHE B 88 -15.27 1.44 15.86
CA PHE B 88 -14.85 0.52 14.81
C PHE B 88 -13.69 -0.34 15.28
N LYS B 89 -13.74 -1.61 14.89
CA LYS B 89 -12.73 -2.57 15.23
C LYS B 89 -11.55 -2.49 14.30
N THR B 90 -11.78 -2.05 13.09
CA THR B 90 -10.72 -1.90 12.13
C THR B 90 -10.71 -0.56 11.38
N GLU B 91 -9.61 -0.30 10.69
CA GLU B 91 -9.38 0.92 9.92
C GLU B 91 -9.53 0.56 8.44
N PRO B 92 -10.05 1.56 7.64
CA PRO B 92 -10.21 1.19 6.22
C PRO B 92 -8.86 1.03 5.58
N GLY B 93 -8.76 0.35 4.45
CA GLY B 93 -7.47 0.23 3.81
C GLY B 93 -7.18 1.30 2.74
N LEU B 94 -6.05 1.15 2.07
CA LEU B 94 -5.68 2.04 1.00
C LEU B 94 -6.57 1.76 -0.17
N PRO B 95 -6.57 2.61 -1.15
CA PRO B 95 -7.42 2.32 -2.31
C PRO B 95 -7.15 0.95 -2.99
N GLN B 96 -8.18 0.29 -3.47
CA GLN B 96 -8.03 -1.00 -4.15
C GLN B 96 -8.62 -0.90 -5.55
N ILE B 97 -7.95 -1.50 -6.54
CA ILE B 97 -8.53 -1.58 -7.86
C ILE B 97 -9.03 -3.00 -8.07
N HIS B 98 -10.28 -3.11 -8.50
CA HIS B 98 -10.92 -4.39 -8.70
C HIS B 98 -11.32 -4.58 -10.16
N LEU B 99 -11.60 -5.82 -10.55
CA LEU B 99 -11.93 -6.10 -11.95
C LEU B 99 -13.43 -6.11 -12.20
N GLU B 100 -13.86 -5.58 -13.34
CA GLU B 100 -15.23 -5.78 -13.81
C GLU B 100 -15.65 -7.25 -13.74
N GLY B 101 -16.84 -7.50 -13.22
CA GLY B 101 -17.36 -8.85 -13.17
C GLY B 101 -16.99 -9.61 -11.91
N ASN B 102 -16.06 -9.07 -11.12
CA ASN B 102 -15.68 -9.72 -9.88
C ASN B 102 -16.61 -9.35 -8.72
N ARG B 103 -16.64 -10.23 -7.72
CA ARG B 103 -17.38 -10.02 -6.48
C ARG B 103 -16.62 -9.07 -5.56
N LEU B 104 -17.37 -8.18 -4.91
CA LEU B 104 -16.84 -7.34 -3.85
C LEU B 104 -17.66 -7.57 -2.58
N VAL B 105 -17.00 -7.78 -1.45
CA VAL B 105 -17.68 -7.83 -0.17
C VAL B 105 -17.08 -6.78 0.77
N LEU B 106 -17.90 -5.83 1.17
CA LEU B 106 -17.49 -4.85 2.16
C LEU B 106 -18.03 -5.27 3.51
N THR B 107 -17.24 -5.06 4.55
CA THR B 107 -17.71 -5.37 5.90
C THR B 107 -17.57 -4.16 6.83
N CYS B 108 -18.53 -4.05 7.75
CA CYS B 108 -18.55 -2.98 8.73
C CYS B 108 -18.30 -3.61 10.08
N LEU B 109 -17.05 -3.58 10.55
CA LEU B 109 -16.72 -4.31 11.77
C LEU B 109 -16.64 -3.37 12.95
N ALA B 110 -17.61 -3.49 13.86
CA ALA B 110 -17.76 -2.55 14.95
C ALA B 110 -18.16 -3.25 16.23
N GLU B 111 -18.02 -2.54 17.35
CA GLU B 111 -18.41 -3.03 18.66
C GLU B 111 -19.17 -1.95 19.39
N GLY B 112 -19.82 -2.34 20.49
CA GLY B 112 -20.57 -1.41 21.30
C GLY B 112 -21.81 -2.08 21.83
N SER B 113 -22.58 -1.36 22.66
CA SER B 113 -23.78 -1.92 23.25
C SER B 113 -24.84 -2.29 22.22
N TRP B 114 -25.61 -3.32 22.55
CA TRP B 114 -26.76 -3.77 21.76
C TRP B 114 -27.82 -2.68 21.67
N PRO B 115 -28.52 -2.59 20.53
CA PRO B 115 -28.32 -3.36 19.31
C PRO B 115 -27.50 -2.61 18.28
N LEU B 116 -26.50 -3.25 17.69
CA LEU B 116 -25.70 -2.57 16.67
C LEU B 116 -26.36 -2.73 15.30
N GLU B 117 -26.53 -1.62 14.60
CA GLU B 117 -27.06 -1.67 13.25
C GLU B 117 -26.10 -0.98 12.30
N PHE B 118 -26.16 -1.36 11.04
CA PHE B 118 -25.21 -0.90 10.03
C PHE B 118 -25.90 -0.41 8.78
N LYS B 119 -25.33 0.60 8.13
CA LYS B 119 -25.75 0.93 6.78
C LYS B 119 -24.57 1.43 5.97
N TRP B 120 -24.78 1.50 4.66
CA TRP B 120 -23.70 1.79 3.72
C TRP B 120 -23.98 2.99 2.85
N ILE B 121 -22.91 3.72 2.56
CA ILE B 121 -22.97 4.91 1.74
C ILE B 121 -21.93 4.79 0.63
N ARG B 122 -22.31 5.13 -0.59
CA ARG B 122 -21.31 5.32 -1.64
C ARG B 122 -21.33 6.77 -2.08
N ASN B 123 -20.14 7.38 -2.12
CA ASN B 123 -20.01 8.81 -2.34
C ASN B 123 -20.94 9.54 -1.37
N ASP B 124 -22.03 10.11 -1.84
CA ASP B 124 -22.91 10.80 -0.91
C ASP B 124 -24.28 10.13 -0.73
N SER B 125 -24.54 9.07 -1.50
CA SER B 125 -25.87 8.44 -1.46
C SER B 125 -25.86 7.15 -0.65
N GLU B 126 -27.00 6.87 -0.01
CA GLU B 126 -27.15 5.66 0.78
C GLU B 126 -27.41 4.45 -0.11
N LEU B 127 -26.65 3.39 0.12
CA LEU B 127 -26.81 2.11 -0.57
C LEU B 127 -27.76 1.20 0.15
N THR B 128 -27.85 1.36 1.47
CA THR B 128 -28.70 0.51 2.28
C THR B 128 -29.36 1.29 3.40
N THR B 129 -30.33 0.65 4.05
CA THR B 129 -30.90 1.15 5.29
C THR B 129 -30.31 0.41 6.47
N TYR B 130 -30.49 0.94 7.67
CA TYR B 130 -29.96 0.28 8.86
C TYR B 130 -30.52 -1.12 9.03
N SER B 131 -29.62 -2.07 9.28
CA SER B 131 -30.03 -3.41 9.67
C SER B 131 -28.93 -4.12 10.44
N SER B 132 -29.20 -5.33 10.89
CA SER B 132 -28.25 -6.10 11.69
C SER B 132 -27.11 -6.66 10.83
N GLU B 133 -27.31 -6.64 9.52
CA GLU B 133 -26.34 -7.11 8.54
C GLU B 133 -25.15 -6.17 8.46
N TYR B 134 -23.94 -6.69 8.65
CA TYR B 134 -22.73 -5.87 8.64
C TYR B 134 -22.06 -5.82 7.25
N LYS B 135 -22.55 -6.65 6.32
CA LYS B 135 -21.95 -6.75 4.99
C LYS B 135 -22.68 -5.97 3.93
N TYR B 136 -21.93 -5.61 2.90
CA TYR B 136 -22.52 -5.15 1.65
C TYR B 136 -21.85 -5.89 0.50
N ILE B 137 -22.66 -6.56 -0.31
CA ILE B 137 -22.17 -7.39 -1.39
C ILE B 137 -22.49 -6.80 -2.75
N ILE B 138 -21.46 -6.69 -3.58
CA ILE B 138 -21.66 -6.39 -5.00
C ILE B 138 -21.28 -7.65 -5.76
N PRO B 139 -22.28 -8.34 -6.32
CA PRO B 139 -21.98 -9.66 -6.90
C PRO B 139 -21.08 -9.63 -8.13
N SER B 140 -21.21 -8.59 -8.95
CA SER B 140 -20.50 -8.49 -10.22
C SER B 140 -20.21 -7.03 -10.51
N LEU B 141 -18.98 -6.60 -10.23
CA LEU B 141 -18.65 -5.19 -10.29
C LEU B 141 -18.79 -4.65 -11.70
N GLN B 142 -19.25 -3.40 -11.78
CA GLN B 142 -19.35 -2.67 -13.04
C GLN B 142 -18.68 -1.32 -12.83
N LYS B 143 -18.34 -0.62 -13.92
CA LYS B 143 -17.68 0.68 -13.83
C LYS B 143 -18.35 1.66 -12.87
N LEU B 144 -19.69 1.68 -12.85
CA LEU B 144 -20.42 2.65 -12.04
C LEU B 144 -20.33 2.35 -10.55
N ASP B 145 -19.76 1.20 -10.19
CA ASP B 145 -19.56 0.84 -8.79
C ASP B 145 -18.34 1.52 -8.19
N ALA B 146 -17.51 2.13 -9.03
CA ALA B 146 -16.32 2.83 -8.53
C ALA B 146 -16.72 4.05 -7.69
N GLY B 147 -15.99 4.28 -6.60
CA GLY B 147 -16.32 5.39 -5.73
C GLY B 147 -15.81 5.20 -4.31
N PHE B 148 -16.32 6.05 -3.43
CA PHE B 148 -15.86 6.08 -2.04
C PHE B 148 -16.95 5.53 -1.16
N TYR B 149 -16.64 4.45 -0.46
CA TYR B 149 -17.61 3.74 0.34
C TYR B 149 -17.37 3.99 1.82
N ARG B 150 -18.46 4.14 2.57
CA ARG B 150 -18.41 4.34 4.02
C ARG B 150 -19.47 3.48 4.67
N CYS B 151 -19.16 2.85 5.79
CA CYS B 151 -20.32 2.37 6.54
C CYS B 151 -20.60 3.26 7.75
N VAL B 152 -21.79 3.06 8.30
CA VAL B 152 -22.28 3.77 9.48
C VAL B 152 -22.73 2.73 10.47
N VAL B 153 -22.31 2.87 11.73
CA VAL B 153 -22.81 1.98 12.78
C VAL B 153 -23.60 2.79 13.81
N ARG B 154 -24.71 2.23 14.27
CA ARG B 154 -25.54 2.89 15.25
C ARG B 154 -25.97 1.93 16.36
N ASN B 155 -26.10 2.45 17.57
CA ASN B 155 -26.90 1.76 18.59
C ASN B 155 -27.77 2.82 19.28
N ARG B 156 -28.34 2.50 20.43
CA ARG B 156 -29.26 3.49 20.97
C ARG B 156 -28.55 4.74 21.52
N MET B 157 -27.24 4.71 21.65
CA MET B 157 -26.49 5.91 22.10
C MET B 157 -26.30 6.92 20.98
N GLY B 158 -26.05 6.43 19.77
CA GLY B 158 -25.86 7.32 18.64
C GLY B 158 -25.26 6.59 17.45
N ALA B 159 -24.78 7.35 16.48
CA ALA B 159 -24.29 6.78 15.23
C ALA B 159 -22.93 7.35 14.86
N LEU B 160 -22.10 6.51 14.24
CA LEU B 160 -20.72 6.85 13.92
C LEU B 160 -20.41 6.55 12.46
N LEU B 161 -19.88 7.54 11.74
CA LEU B 161 -19.52 7.40 10.34
C LEU B 161 -18.07 6.92 10.23
N GLN B 162 -17.83 5.91 9.41
CA GLN B 162 -16.48 5.44 9.20
C GLN B 162 -15.75 6.28 8.14
N ARG B 163 -14.42 6.13 8.16
CA ARG B 163 -13.58 6.78 7.20
C ARG B 163 -13.90 6.05 5.91
N LYS B 164 -13.72 6.73 4.78
CA LYS B 164 -14.03 6.16 3.52
C LYS B 164 -12.95 5.28 2.94
N SER B 165 -13.36 4.35 2.10
CA SER B 165 -12.44 3.49 1.41
C SER B 165 -12.69 3.68 -0.06
N GLU B 166 -11.65 3.71 -0.88
CA GLU B 166 -11.85 3.98 -2.30
C GLU B 166 -11.83 2.66 -3.05
N ILE B 167 -12.84 2.47 -3.88
CA ILE B 167 -12.94 1.30 -4.75
C ILE B 167 -12.81 1.76 -6.18
N GLN B 168 -11.79 1.27 -6.88
CA GLN B 168 -11.59 1.57 -8.28
C GLN B 168 -11.93 0.32 -9.08
N VAL B 169 -12.50 0.51 -10.26
CA VAL B 169 -12.85 -0.61 -11.11
C VAL B 169 -12.05 -0.48 -12.40
N ALA B 170 -11.27 -1.51 -12.72
CA ALA B 170 -10.47 -1.51 -13.94
C ALA B 170 -11.35 -1.70 -15.16
N TYR B 171 -11.16 -0.89 -16.19
CA TYR B 171 -11.95 -1.02 -17.41
C TYR B 171 -11.13 -0.52 -18.59
N MET B 172 -11.50 -0.95 -19.79
CA MET B 172 -10.87 -0.45 -20.99
C MET B 172 -11.87 -0.30 -22.13
N GLY B 173 -12.05 0.93 -22.60
CA GLY B 173 -12.99 1.20 -23.68
C GLY B 173 -12.35 0.97 -25.03
N ASN B 174 -13.01 1.42 -26.08
CA ASN B 174 -12.47 1.30 -27.43
C ASN B 174 -12.03 2.64 -27.99
N PHE B 175 -11.02 2.61 -28.84
CA PHE B 175 -10.74 3.74 -29.72
C PHE B 175 -11.89 3.85 -30.71
N MET B 176 -12.33 5.05 -31.04
CA MET B 176 -13.25 4.98 -32.18
C MET B 176 -12.41 4.93 -33.46
N ASP B 177 -12.94 4.15 -34.40
CA ASP B 177 -12.18 3.72 -35.57
C ASP B 177 -12.12 4.78 -36.66
N THR B 178 -11.64 5.96 -36.30
CA THR B 178 -11.47 7.05 -37.26
C THR B 178 -9.98 7.37 -37.46
N ASP B 179 -9.44 7.08 -38.65
CA ASP B 179 -8.07 7.48 -38.96
C ASP B 179 -7.95 8.99 -38.90
N GLN B 180 -6.76 9.47 -38.53
CA GLN B 180 -6.53 10.89 -38.61
C GLN B 180 -5.39 11.18 -39.56
N ARG B 181 -5.29 12.44 -39.95
CA ARG B 181 -4.22 12.86 -40.84
C ARG B 181 -3.51 14.03 -40.20
N LYS B 182 -2.21 14.13 -40.42
CA LYS B 182 -1.43 15.21 -39.86
C LYS B 182 -0.30 15.57 -40.81
N THR B 183 -0.07 16.87 -41.01
CA THR B 183 1.07 17.31 -41.80
C THR B 183 1.94 18.21 -40.93
N VAL B 184 3.24 18.10 -41.13
CA VAL B 184 4.20 18.95 -40.44
C VAL B 184 5.22 19.50 -41.43
N SER B 185 5.62 20.74 -41.25
CA SER B 185 6.67 21.33 -42.07
C SER B 185 8.02 20.78 -41.61
N GLN B 186 8.82 20.30 -42.56
CA GLN B 186 10.10 19.66 -42.25
C GLN B 186 10.94 20.47 -41.28
N GLY B 187 11.46 19.80 -40.26
CA GLY B 187 12.35 20.43 -39.31
C GLY B 187 11.65 20.71 -37.99
N HIS B 188 10.35 21.01 -38.07
CA HIS B 188 9.57 21.17 -36.84
C HIS B 188 9.24 19.82 -36.20
N ALA B 189 8.86 19.85 -34.93
CA ALA B 189 8.48 18.63 -34.23
C ALA B 189 7.07 18.21 -34.62
N ALA B 190 6.84 16.90 -34.75
CA ALA B 190 5.50 16.36 -34.91
C ALA B 190 5.01 15.75 -33.59
N LEU B 191 3.91 16.27 -33.07
CA LEU B 191 3.35 15.76 -31.83
C LEU B 191 2.12 14.95 -32.14
N LEU B 192 2.22 13.64 -31.93
CA LEU B 192 1.11 12.74 -32.22
C LEU B 192 0.46 12.27 -30.93
N ASN B 193 -0.77 12.71 -30.69
CA ASN B 193 -1.45 12.35 -29.46
C ASN B 193 -1.95 10.92 -29.47
N LEU B 194 -1.90 10.25 -28.32
CA LEU B 194 -2.61 9.00 -28.18
C LEU B 194 -4.08 9.26 -28.54
N LEU B 195 -4.61 8.55 -29.53
CA LEU B 195 -6.03 8.66 -29.86
C LEU B 195 -6.87 8.40 -28.61
N PRO B 196 -7.96 9.17 -28.44
CA PRO B 196 -8.79 9.08 -27.22
C PRO B 196 -9.32 7.68 -26.92
N ILE B 197 -9.12 7.25 -25.69
CA ILE B 197 -9.64 5.98 -25.20
C ILE B 197 -9.85 6.11 -23.69
N VAL B 198 -10.98 5.63 -23.21
CA VAL B 198 -11.24 5.67 -21.77
C VAL B 198 -10.74 4.36 -21.14
N SER B 199 -10.00 4.49 -20.04
CA SER B 199 -9.38 3.35 -19.40
C SER B 199 -9.01 3.64 -17.95
N CYS B 200 -9.20 2.66 -17.08
CA CYS B 200 -8.70 2.72 -15.71
C CYS B 200 -7.97 1.41 -15.43
N PRO B 201 -6.66 1.49 -15.10
CA PRO B 201 -5.83 2.70 -15.07
C PRO B 201 -5.42 3.12 -16.47
N GLN B 202 -4.58 4.15 -16.59
CA GLN B 202 -4.10 4.55 -17.91
C GLN B 202 -3.40 3.34 -18.53
N PRO B 203 -3.61 3.15 -19.84
CA PRO B 203 -3.01 2.00 -20.54
C PRO B 203 -1.51 2.14 -20.72
N GLN B 204 -0.83 1.01 -20.83
CA GLN B 204 0.55 1.01 -21.33
C GLN B 204 0.45 1.07 -22.84
N VAL B 205 1.35 1.80 -23.50
CA VAL B 205 1.20 2.08 -24.92
C VAL B 205 2.48 1.77 -25.67
N THR B 206 2.36 1.17 -26.84
CA THR B 206 3.49 0.97 -27.75
C THR B 206 3.14 1.59 -29.09
N TRP B 207 4.02 2.47 -29.60
CA TRP B 207 3.80 3.10 -30.90
C TRP B 207 4.43 2.29 -32.04
N PHE B 208 3.72 2.23 -33.16
CA PHE B 208 4.12 1.44 -34.33
C PHE B 208 4.00 2.25 -35.61
N ARG B 209 4.76 1.83 -36.62
CA ARG B 209 4.54 2.21 -38.01
C ARG B 209 4.86 1.00 -38.87
N GLU B 210 3.88 0.54 -39.64
CA GLU B 210 4.03 -0.61 -40.54
C GLU B 210 4.55 -1.84 -39.82
N GLY B 211 4.07 -2.04 -38.60
CA GLY B 211 4.39 -3.24 -37.84
C GLY B 211 5.66 -3.15 -37.01
N HIS B 212 6.41 -2.08 -37.20
CA HIS B 212 7.66 -1.89 -36.48
C HIS B 212 7.46 -0.94 -35.31
N LYS B 213 8.06 -1.26 -34.17
CA LYS B 213 7.94 -0.41 -33.00
C LYS B 213 8.73 0.88 -33.20
N ILE B 214 8.17 1.98 -32.73
CA ILE B 214 8.83 3.28 -32.74
C ILE B 214 9.51 3.46 -31.38
N ILE B 215 10.82 3.65 -31.40
CA ILE B 215 11.63 3.57 -30.20
C ILE B 215 12.17 4.95 -29.78
N PRO B 216 12.03 5.30 -28.50
CA PRO B 216 12.64 6.56 -28.03
C PRO B 216 14.14 6.65 -28.32
N SER B 217 14.56 7.86 -28.65
CA SER B 217 15.94 8.12 -29.08
C SER B 217 16.21 9.59 -28.89
N SER B 218 17.37 10.04 -29.37
CA SER B 218 17.74 11.45 -29.32
C SER B 218 16.80 12.32 -30.16
N ARG B 219 16.05 11.72 -31.08
CA ARG B 219 15.12 12.51 -31.89
C ARG B 219 13.67 12.04 -31.76
N ILE B 220 13.42 11.00 -30.95
CA ILE B 220 12.07 10.49 -30.74
C ILE B 220 11.74 10.44 -29.26
N ALA B 221 10.67 11.11 -28.85
CA ALA B 221 10.23 11.08 -27.46
C ALA B 221 8.84 10.50 -27.33
N ILE B 222 8.60 9.78 -26.24
CA ILE B 222 7.25 9.37 -25.91
C ILE B 222 6.99 9.94 -24.53
N THR B 223 5.95 10.76 -24.42
CA THR B 223 5.70 11.50 -23.19
C THR B 223 5.08 10.61 -22.11
N LEU B 224 5.01 11.14 -20.90
CA LEU B 224 4.42 10.45 -19.76
C LEU B 224 2.94 10.18 -19.97
N GLU B 225 2.33 10.91 -20.89
CA GLU B 225 0.93 10.75 -21.29
C GLU B 225 0.80 10.02 -22.64
N ASN B 226 1.86 9.32 -23.03
CA ASN B 226 1.82 8.38 -24.16
C ASN B 226 1.74 9.04 -25.54
N GLN B 227 2.07 10.33 -25.60
CA GLN B 227 2.11 11.08 -26.85
C GLN B 227 3.45 10.84 -27.54
N LEU B 228 3.41 10.64 -28.86
CA LEU B 228 4.65 10.47 -29.63
C LEU B 228 5.14 11.82 -30.16
N VAL B 229 6.40 12.13 -29.91
CA VAL B 229 6.97 13.38 -30.42
C VAL B 229 8.18 13.07 -31.27
N ILE B 230 8.09 13.43 -32.56
CA ILE B 230 9.20 13.23 -33.48
C ILE B 230 9.86 14.59 -33.70
N LEU B 231 11.12 14.69 -33.29
CA LEU B 231 11.86 15.96 -33.38
C LEU B 231 12.54 16.14 -34.73
N ALA B 232 12.68 17.39 -35.17
CA ALA B 232 13.47 17.72 -36.35
C ALA B 232 13.09 16.84 -37.53
N THR B 233 11.80 16.85 -37.85
CA THR B 233 11.23 15.90 -38.81
C THR B 233 11.93 15.92 -40.16
N THR B 234 12.08 14.72 -40.71
CA THR B 234 12.64 14.52 -42.03
C THR B 234 11.60 13.81 -42.90
N ALA B 235 11.85 13.73 -44.21
CA ALA B 235 10.92 13.07 -45.11
C ALA B 235 10.64 11.63 -44.65
N SER B 236 11.67 10.99 -44.12
CA SER B 236 11.56 9.57 -43.72
C SER B 236 10.62 9.34 -42.55
N ASP B 237 10.25 10.42 -41.85
CA ASP B 237 9.30 10.28 -40.75
C ASP B 237 7.85 10.10 -41.17
N ALA B 238 7.55 10.38 -42.44
CA ALA B 238 6.18 10.22 -42.93
C ALA B 238 5.70 8.78 -42.78
N GLY B 239 4.40 8.61 -42.61
CA GLY B 239 3.82 7.28 -42.62
C GLY B 239 2.63 7.15 -41.69
N ALA B 240 2.14 5.93 -41.54
CA ALA B 240 0.93 5.70 -40.78
C ALA B 240 1.29 5.17 -39.41
N TYR B 241 1.07 5.99 -38.39
CA TYR B 241 1.40 5.64 -37.02
C TYR B 241 0.17 5.14 -36.28
N TYR B 242 0.36 4.18 -35.38
CA TYR B 242 -0.73 3.69 -34.56
C TYR B 242 -0.18 3.15 -33.24
N VAL B 243 -1.07 2.86 -32.29
CA VAL B 243 -0.61 2.27 -31.03
C VAL B 243 -1.30 0.95 -30.74
N GLN B 244 -0.59 0.11 -30.00
CA GLN B 244 -1.21 -1.00 -29.31
C GLN B 244 -1.24 -0.63 -27.84
N ALA B 245 -2.44 -0.61 -27.25
CA ALA B 245 -2.58 -0.21 -25.85
C ALA B 245 -2.99 -1.41 -25.01
N VAL B 246 -2.42 -1.51 -23.81
CA VAL B 246 -2.75 -2.63 -22.92
C VAL B 246 -3.11 -2.09 -21.55
N ASN B 247 -4.24 -2.54 -21.00
CA ASN B 247 -4.59 -2.26 -19.63
C ASN B 247 -3.87 -3.26 -18.73
N GLU B 248 -2.98 -2.76 -17.87
CA GLU B 248 -2.13 -3.60 -17.07
C GLU B 248 -2.89 -4.44 -16.04
N LYS B 249 -4.07 -3.95 -15.64
CA LYS B 249 -4.83 -4.57 -14.56
C LYS B 249 -5.79 -5.66 -15.07
N ASN B 250 -6.48 -5.41 -16.18
CA ASN B 250 -7.42 -6.41 -16.66
C ASN B 250 -6.94 -7.13 -17.91
N GLY B 251 -5.76 -6.74 -18.40
CA GLY B 251 -5.11 -7.45 -19.48
C GLY B 251 -5.63 -7.17 -20.87
N GLU B 252 -6.66 -6.34 -20.99
CA GLU B 252 -7.28 -6.10 -22.28
C GLU B 252 -6.36 -5.28 -23.18
N ASN B 253 -6.40 -5.57 -24.48
CA ASN B 253 -5.60 -4.83 -25.44
C ASN B 253 -6.46 -4.24 -26.56
N LYS B 254 -6.07 -3.05 -27.02
CA LYS B 254 -6.74 -2.40 -28.14
C LYS B 254 -5.71 -1.87 -29.11
N THR B 255 -6.04 -1.90 -30.38
CA THR B 255 -5.18 -1.30 -31.41
C THR B 255 -5.89 -0.07 -31.96
N SER B 256 -5.19 1.06 -31.98
CA SER B 256 -5.75 2.31 -32.45
C SER B 256 -5.86 2.40 -33.98
N PRO B 257 -6.69 3.31 -34.47
CA PRO B 257 -6.62 3.62 -35.90
C PRO B 257 -5.34 4.38 -36.21
N PHE B 258 -5.12 4.70 -37.48
CA PHE B 258 -3.89 5.34 -37.91
C PHE B 258 -3.92 6.85 -37.72
N ILE B 259 -2.74 7.41 -37.45
CA ILE B 259 -2.47 8.83 -37.69
C ILE B 259 -1.53 8.87 -38.90
N HIS B 260 -2.01 9.40 -40.01
CA HIS B 260 -1.24 9.45 -41.24
C HIS B 260 -0.43 10.74 -41.22
N LEU B 261 0.86 10.63 -40.93
CA LEU B 261 1.73 11.79 -40.88
C LEU B 261 2.41 12.03 -42.22
N SER B 262 2.25 13.23 -42.75
CA SER B 262 2.97 13.67 -43.93
C SER B 262 3.96 14.75 -43.52
N VAL B 263 5.11 14.75 -44.16
CA VAL B 263 6.13 15.76 -43.92
C VAL B 263 6.30 16.59 -45.18
N ALA B 264 6.02 17.88 -45.06
CA ALA B 264 6.17 18.80 -46.19
C ALA B 264 7.63 19.18 -46.31
N ARG B 265 8.29 18.71 -47.37
CA ARG B 265 9.73 18.89 -47.47
C ARG B 265 10.13 20.34 -47.70
N ASP B 266 11.26 20.70 -47.12
CA ASP B 266 11.92 21.95 -47.43
C ASP B 266 12.84 21.69 -48.61
N THR B 267 12.52 22.29 -49.74
CA THR B 267 13.33 22.07 -50.94
C THR B 267 14.53 23.00 -51.01
N GLY B 268 14.63 23.95 -50.07
CA GLY B 268 15.76 24.86 -50.01
C GLY B 268 16.82 24.37 -49.03
N THR B 269 17.86 25.18 -48.81
CA THR B 269 18.91 24.77 -47.87
C THR B 269 18.35 24.73 -46.45
N HIS B 270 18.68 23.67 -45.71
CA HIS B 270 18.12 23.47 -44.37
C HIS B 270 18.91 24.19 -43.29
N GLU B 271 18.40 25.33 -42.85
CA GLU B 271 19.16 26.08 -41.86
C GLU B 271 18.87 25.58 -40.44
N ALA B 272 19.74 25.99 -39.53
CA ALA B 272 19.55 25.66 -38.13
C ALA B 272 18.23 26.23 -37.63
N MET B 273 17.60 25.51 -36.71
CA MET B 273 16.36 25.98 -36.10
C MET B 273 16.55 26.09 -34.60
N ALA B 274 16.21 27.26 -34.08
CA ALA B 274 16.37 27.57 -32.66
C ALA B 274 15.63 26.62 -31.73
N PRO B 275 16.21 26.35 -30.57
CA PRO B 275 15.53 25.48 -29.61
C PRO B 275 14.20 26.08 -29.15
N ILE B 276 13.18 25.25 -29.11
CA ILE B 276 11.87 25.64 -28.61
C ILE B 276 11.29 24.51 -27.78
N ILE B 277 10.68 24.84 -26.65
CA ILE B 277 10.01 23.84 -25.83
C ILE B 277 8.68 23.45 -26.46
N VAL B 278 8.52 22.18 -26.82
CA VAL B 278 7.26 21.75 -27.43
C VAL B 278 6.35 21.00 -26.44
N VAL B 279 6.94 20.42 -25.39
CA VAL B 279 6.17 19.90 -24.26
C VAL B 279 6.78 20.50 -22.98
N ALA B 280 6.02 21.36 -22.31
CA ALA B 280 6.53 22.03 -21.11
C ALA B 280 6.20 21.23 -19.86
N PRO B 281 7.06 21.32 -18.82
CA PRO B 281 6.83 20.51 -17.61
C PRO B 281 5.62 20.92 -16.77
N GLY B 282 5.25 22.19 -16.75
CA GLY B 282 4.14 22.61 -15.89
C GLY B 282 4.40 22.40 -14.40
N ASN B 283 3.34 22.26 -13.60
CA ASN B 283 3.49 22.15 -12.14
C ASN B 283 3.07 20.81 -11.56
N ARG B 284 3.56 20.52 -10.36
CA ARG B 284 3.37 19.22 -9.76
C ARG B 284 3.15 19.35 -8.25
N SER B 285 2.01 18.84 -7.77
CA SER B 285 1.77 18.64 -6.35
C SER B 285 1.84 17.16 -6.03
N VAL B 286 2.53 16.80 -4.94
CA VAL B 286 2.62 15.42 -4.51
C VAL B 286 2.33 15.33 -3.01
N VAL B 287 1.72 14.22 -2.60
CA VAL B 287 1.44 14.02 -1.18
C VAL B 287 2.75 13.70 -0.46
N ALA B 288 2.93 14.26 0.73
CA ALA B 288 4.08 13.94 1.57
C ALA B 288 4.27 12.42 1.71
N GLY B 289 5.51 11.98 1.61
CA GLY B 289 5.82 10.55 1.66
C GLY B 289 5.78 9.82 0.34
N SER B 290 5.41 10.53 -0.73
CA SER B 290 5.41 9.94 -2.08
C SER B 290 6.80 9.42 -2.45
N SER B 291 6.84 8.28 -3.14
CA SER B 291 8.12 7.65 -3.47
C SER B 291 8.89 8.42 -4.54
N GLU B 292 8.17 9.08 -5.44
CA GLU B 292 8.80 9.80 -6.56
C GLU B 292 7.80 10.60 -7.35
N THR B 293 8.30 11.59 -8.07
CA THR B 293 7.51 12.34 -9.03
C THR B 293 8.44 12.76 -10.15
N THR B 294 7.92 12.80 -11.37
CA THR B 294 8.74 13.04 -12.54
C THR B 294 8.22 14.22 -13.36
N LEU B 295 9.11 15.16 -13.66
CA LEU B 295 8.81 16.26 -14.57
C LEU B 295 9.33 15.93 -15.96
N GLU B 296 8.71 16.49 -16.98
CA GLU B 296 9.10 16.17 -18.35
C GLU B 296 9.19 17.45 -19.18
N CYS B 297 10.24 17.55 -19.96
CA CYS B 297 10.45 18.72 -20.80
C CYS B 297 10.99 18.23 -22.12
N ILE B 298 10.26 18.51 -23.20
CA ILE B 298 10.71 18.08 -24.52
C ILE B 298 10.88 19.30 -25.42
N ALA B 299 12.04 19.40 -26.07
CA ALA B 299 12.33 20.53 -26.95
C ALA B 299 12.67 20.09 -28.37
N ASN B 300 12.45 21.00 -29.32
CA ASN B 300 12.86 20.80 -30.70
C ASN B 300 13.98 21.76 -31.08
N ALA B 301 14.87 21.32 -31.97
CA ALA B 301 15.89 22.16 -32.58
C ALA B 301 16.46 21.38 -33.74
N ARG B 302 17.19 22.07 -34.59
CA ARG B 302 17.91 21.43 -35.69
C ARG B 302 19.25 22.14 -35.87
N PRO B 303 20.34 21.36 -35.98
CA PRO B 303 20.45 19.89 -35.93
C PRO B 303 20.17 19.31 -34.54
N VAL B 304 19.27 18.34 -34.48
CA VAL B 304 18.82 17.78 -33.22
C VAL B 304 19.94 17.08 -32.44
N GLU B 305 20.97 16.63 -33.15
CA GLU B 305 22.14 16.03 -32.50
C GLU B 305 22.86 16.99 -31.57
N GLU B 306 22.73 18.29 -31.85
CA GLU B 306 23.35 19.29 -31.00
C GLU B 306 22.40 19.90 -29.96
N LEU B 307 21.19 19.35 -29.87
CA LEU B 307 20.25 19.77 -28.87
C LEU B 307 20.60 19.16 -27.51
N SER B 308 20.60 19.99 -26.48
CA SER B 308 20.73 19.47 -25.13
C SER B 308 19.61 20.02 -24.25
N VAL B 309 18.99 19.12 -23.49
CA VAL B 309 17.96 19.49 -22.53
C VAL B 309 18.53 19.26 -21.13
N HIS B 310 18.59 20.33 -20.34
CA HIS B 310 19.13 20.32 -18.98
C HIS B 310 18.10 20.82 -17.99
N TRP B 311 18.28 20.43 -16.72
CA TRP B 311 17.43 20.92 -15.65
C TRP B 311 18.27 21.69 -14.68
N LYS B 312 17.76 22.84 -14.24
CA LYS B 312 18.46 23.65 -13.28
C LYS B 312 17.63 23.78 -12.03
N ARG B 313 18.30 23.78 -10.89
CA ARG B 313 17.67 23.91 -9.61
C ARG B 313 18.56 24.84 -8.81
N ASN B 314 18.04 26.04 -8.51
CA ASN B 314 18.82 27.10 -7.89
C ASN B 314 20.08 27.43 -8.68
N GLY B 315 19.91 27.53 -10.00
CA GLY B 315 20.98 27.91 -10.90
C GLY B 315 22.03 26.85 -11.15
N VAL B 316 21.86 25.68 -10.54
CA VAL B 316 22.84 24.60 -10.71
C VAL B 316 22.25 23.47 -11.57
N ARG B 317 23.01 23.04 -12.57
CA ARG B 317 22.57 21.94 -13.42
C ARG B 317 22.47 20.65 -12.62
N LEU B 318 21.33 19.96 -12.75
CA LEU B 318 21.09 18.69 -12.07
C LEU B 318 21.63 17.52 -12.87
N THR B 319 22.27 16.58 -12.18
CA THR B 319 22.92 15.43 -12.83
C THR B 319 22.49 14.12 -12.19
N SER B 320 21.35 14.14 -11.51
CA SER B 320 20.79 12.93 -10.96
C SER B 320 19.30 12.95 -11.22
N GLY B 321 18.70 11.78 -11.23
CA GLY B 321 17.29 11.65 -11.57
C GLY B 321 16.97 11.85 -13.04
N LEU B 322 17.99 11.83 -13.89
CA LEU B 322 17.81 12.12 -15.32
C LEU B 322 17.45 10.89 -16.14
N HIS B 323 16.48 11.05 -17.03
CA HIS B 323 16.07 9.95 -17.90
C HIS B 323 15.75 10.51 -19.27
N SER B 324 15.79 9.64 -20.28
CA SER B 324 15.30 9.97 -21.62
C SER B 324 16.00 11.20 -22.23
N TYR B 325 17.32 11.14 -22.39
CA TYR B 325 18.07 12.19 -23.08
C TYR B 325 17.85 13.56 -22.44
N GLY B 326 17.77 13.54 -21.12
CA GLY B 326 17.61 14.75 -20.33
C GLY B 326 16.19 15.28 -20.24
N ARG B 327 15.26 14.64 -20.94
CA ARG B 327 13.87 15.12 -21.00
C ARG B 327 13.08 14.88 -19.72
N ARG B 328 13.48 13.91 -18.93
CA ARG B 328 12.78 13.62 -17.68
C ARG B 328 13.65 13.80 -16.45
N LEU B 329 13.08 14.44 -15.43
CA LEU B 329 13.74 14.65 -14.15
C LEU B 329 12.90 14.01 -13.06
N THR B 330 13.41 12.97 -12.42
CA THR B 330 12.68 12.33 -11.32
C THR B 330 13.23 12.80 -10.00
N ILE B 331 12.32 13.25 -9.14
CA ILE B 331 12.65 13.60 -7.78
C ILE B 331 12.23 12.45 -6.88
N THR B 332 13.20 11.86 -6.19
CA THR B 332 12.97 10.67 -5.38
C THR B 332 12.71 11.09 -3.94
N ASN B 333 11.68 10.48 -3.35
CA ASN B 333 11.24 10.79 -1.99
C ASN B 333 11.21 12.29 -1.72
N PRO B 334 10.40 13.03 -2.49
CA PRO B 334 10.37 14.49 -2.33
C PRO B 334 9.99 14.93 -0.91
N THR B 335 10.76 15.86 -0.35
CA THR B 335 10.46 16.50 0.93
C THR B 335 10.52 18.03 0.76
N SER B 336 10.35 18.76 1.85
CA SER B 336 10.27 20.22 1.79
C SER B 336 11.48 20.87 1.12
N ALA B 337 12.64 20.22 1.23
CA ALA B 337 13.87 20.76 0.65
C ALA B 337 13.85 20.71 -0.87
N ASP B 338 13.01 19.85 -1.42
CA ASP B 338 12.91 19.67 -2.86
C ASP B 338 11.86 20.58 -3.52
N THR B 339 11.06 21.27 -2.70
CA THR B 339 9.95 22.04 -3.24
C THR B 339 10.43 23.36 -3.86
N GLY B 340 9.59 23.94 -4.71
CA GLY B 340 9.92 25.17 -5.38
C GLY B 340 10.19 25.00 -6.87
N MET B 341 10.98 25.91 -7.43
CA MET B 341 11.13 25.99 -8.87
C MET B 341 12.23 25.09 -9.43
N TYR B 342 11.91 24.46 -10.57
CA TYR B 342 12.89 23.77 -11.41
C TYR B 342 12.82 24.39 -12.80
N VAL B 343 13.95 24.52 -13.46
CA VAL B 343 13.97 25.14 -14.79
C VAL B 343 14.47 24.16 -15.84
N CYS B 344 13.65 23.94 -16.87
CA CYS B 344 14.11 23.22 -18.05
C CYS B 344 14.80 24.20 -19.00
N GLU B 345 15.99 23.84 -19.47
CA GLU B 345 16.74 24.71 -20.38
C GLU B 345 17.17 23.91 -21.60
N ALA B 346 16.74 24.34 -22.77
CA ALA B 346 17.07 23.67 -24.02
C ALA B 346 18.01 24.52 -24.86
N THR B 347 19.17 23.96 -25.19
CA THR B 347 20.25 24.65 -25.89
C THR B 347 20.62 23.97 -27.19
N LEU B 348 20.89 24.75 -28.23
CA LEU B 348 21.48 24.20 -29.44
C LEU B 348 22.98 24.48 -29.42
N ARG B 349 23.76 23.45 -29.12
CA ARG B 349 25.20 23.58 -28.97
C ARG B 349 25.81 24.10 -30.26
N GLY B 350 26.76 25.02 -30.14
CA GLY B 350 27.39 25.61 -31.31
C GLY B 350 26.45 26.51 -32.10
N SER B 351 25.51 27.13 -31.38
CA SER B 351 24.66 28.12 -32.00
C SER B 351 24.71 29.38 -31.15
N THR B 352 24.20 30.48 -31.69
CA THR B 352 24.08 31.69 -30.90
C THR B 352 22.62 31.96 -30.50
N PHE B 353 21.77 30.94 -30.58
CA PHE B 353 20.39 31.10 -30.14
C PHE B 353 20.32 31.13 -28.63
N GLU B 354 19.46 31.97 -28.09
CA GLU B 354 19.16 31.95 -26.66
C GLU B 354 18.51 30.62 -26.32
N PRO B 355 18.94 29.96 -25.23
CA PRO B 355 18.28 28.72 -24.85
C PRO B 355 16.81 28.94 -24.56
N ALA B 356 15.98 27.95 -24.86
CA ALA B 356 14.57 28.00 -24.52
C ALA B 356 14.42 27.53 -23.08
N ARG B 357 13.56 28.20 -22.32
CA ARG B 357 13.39 27.85 -20.92
C ARG B 357 11.94 27.70 -20.54
N ALA B 358 11.67 26.78 -19.62
CA ALA B 358 10.34 26.61 -19.07
C ALA B 358 10.48 26.32 -17.59
N ARG B 359 9.62 26.90 -16.77
CA ARG B 359 9.72 26.67 -15.33
C ARG B 359 8.62 25.75 -14.81
N ALA B 360 9.01 24.96 -13.81
CA ALA B 360 8.15 23.99 -13.16
C ALA B 360 8.20 24.22 -11.65
N PHE B 361 7.06 24.07 -10.98
CA PHE B 361 7.04 24.24 -9.52
C PHE B 361 6.54 22.99 -8.81
N LEU B 362 7.35 22.47 -7.89
CA LEU B 362 6.99 21.32 -7.09
C LEU B 362 6.50 21.73 -5.70
N SER B 363 5.34 21.22 -5.33
CA SER B 363 4.81 21.50 -4.00
C SER B 363 4.35 20.22 -3.34
N ILE B 364 4.30 20.21 -2.02
CA ILE B 364 3.91 19.02 -1.28
C ILE B 364 2.63 19.27 -0.51
N ILE B 365 1.71 18.33 -0.67
CA ILE B 365 0.47 18.29 0.09
C ILE B 365 0.70 17.54 1.39
N GLU B 366 0.41 18.19 2.52
CA GLU B 366 0.52 17.55 3.81
C GLU B 366 -0.90 17.23 4.31
N PRO B 367 -1.20 15.93 4.50
CA PRO B 367 -2.53 15.48 4.92
C PRO B 367 -2.90 16.04 6.27
N PRO B 368 -4.21 16.12 6.56
CA PRO B 368 -4.68 16.74 7.80
C PRO B 368 -4.32 15.95 9.05
N TYR B 369 -4.14 16.67 10.14
CA TYR B 369 -4.00 16.03 11.45
C TYR B 369 -4.63 16.96 12.48
N PHE B 370 -5.21 16.40 13.53
CA PHE B 370 -5.85 17.23 14.52
C PHE B 370 -4.86 17.87 15.46
N THR B 371 -5.07 19.17 15.69
CA THR B 371 -4.34 19.90 16.72
C THR B 371 -5.22 20.11 17.94
N ALA B 372 -6.51 19.86 17.79
CA ALA B 372 -7.42 19.86 18.93
C ALA B 372 -8.56 18.89 18.66
N GLU B 373 -8.73 17.94 19.56
CA GLU B 373 -9.85 16.99 19.54
C GLU B 373 -10.71 17.23 20.76
N PRO B 374 -12.01 16.96 20.67
CA PRO B 374 -12.80 17.00 21.91
C PRO B 374 -12.45 15.84 22.82
N GLU B 375 -12.82 15.92 24.10
CA GLU B 375 -12.76 14.74 24.95
C GLU B 375 -13.65 13.63 24.38
N SER B 376 -13.32 12.38 24.68
CA SER B 376 -14.11 11.27 24.14
C SER B 376 -15.52 11.26 24.67
N ARG B 377 -15.71 11.72 25.91
CA ARG B 377 -17.03 11.84 26.50
C ARG B 377 -17.20 13.23 27.09
N ILE B 378 -18.29 13.89 26.75
CA ILE B 378 -18.57 15.22 27.29
C ILE B 378 -19.92 15.25 27.99
N LEU B 379 -19.99 15.90 29.15
CA LEU B 379 -21.25 16.05 29.87
C LEU B 379 -21.83 17.45 29.71
N GLY B 380 -23.11 17.53 29.39
CA GLY B 380 -23.79 18.82 29.27
C GLY B 380 -25.07 18.85 30.07
N GLU B 381 -25.52 20.05 30.42
CA GLU B 381 -26.78 20.19 31.16
C GLU B 381 -27.80 20.96 30.34
N VAL B 382 -29.05 20.50 30.35
CA VAL B 382 -30.17 21.09 29.63
C VAL B 382 -30.19 22.62 29.76
N GLU B 383 -30.46 23.33 28.66
CA GLU B 383 -30.60 24.79 28.62
C GLU B 383 -29.27 25.52 28.66
N GLU B 384 -28.19 24.81 28.95
CA GLU B 384 -26.86 25.40 28.95
C GLU B 384 -26.26 25.40 27.55
N THR B 385 -25.08 25.96 27.42
CA THR B 385 -24.37 25.92 26.14
C THR B 385 -23.30 24.84 26.19
N MET B 386 -22.86 24.43 25.01
CA MET B 386 -21.79 23.45 24.85
C MET B 386 -20.84 23.91 23.78
N ASP B 387 -19.53 23.86 24.02
CA ASP B 387 -18.56 24.03 22.96
C ASP B 387 -17.81 22.74 22.77
N ILE B 388 -17.85 22.22 21.55
CA ILE B 388 -17.11 21.02 21.20
C ILE B 388 -15.96 21.37 20.29
N PRO B 389 -14.72 21.24 20.78
CA PRO B 389 -13.60 21.68 19.96
C PRO B 389 -13.25 20.75 18.80
N CYS B 390 -12.68 21.34 17.74
CA CYS B 390 -12.30 20.58 16.56
C CYS B 390 -11.34 21.36 15.69
N ARG B 391 -10.06 21.34 16.04
CA ARG B 391 -9.03 22.05 15.27
C ARG B 391 -8.14 21.08 14.52
N ALA B 392 -7.50 21.56 13.46
CA ALA B 392 -6.61 20.73 12.66
C ALA B 392 -5.63 21.57 11.85
N MET B 393 -4.68 20.90 11.21
CA MET B 393 -3.68 21.58 10.41
C MET B 393 -3.34 20.69 9.24
N GLY B 394 -2.71 21.28 8.23
CA GLY B 394 -2.33 20.56 7.04
C GLY B 394 -1.97 21.56 5.96
N VAL B 395 -1.53 21.05 4.81
CA VAL B 395 -1.25 21.91 3.66
C VAL B 395 -1.84 21.28 2.39
N PRO B 396 -2.83 21.93 1.77
CA PRO B 396 -3.52 23.17 2.16
C PRO B 396 -4.26 23.00 3.49
N LEU B 397 -4.65 24.12 4.08
CA LEU B 397 -5.41 24.12 5.31
C LEU B 397 -6.65 23.24 5.13
N PRO B 398 -6.84 22.27 6.03
CA PRO B 398 -7.98 21.36 5.85
C PRO B 398 -9.33 22.03 6.05
N THR B 399 -10.34 21.49 5.37
CA THR B 399 -11.74 21.85 5.52
C THR B 399 -12.32 20.99 6.62
N LEU B 400 -13.11 21.56 7.52
CA LEU B 400 -13.77 20.78 8.57
C LEU B 400 -15.25 20.61 8.26
N GLN B 401 -15.76 19.41 8.54
CA GLN B 401 -17.19 19.15 8.40
C GLN B 401 -17.70 18.43 9.63
N TRP B 402 -18.82 18.89 10.18
CA TRP B 402 -19.41 18.29 11.38
C TRP B 402 -20.59 17.40 11.08
N TYR B 403 -20.73 16.34 11.86
CA TYR B 403 -21.90 15.45 11.80
C TYR B 403 -22.45 15.24 13.19
N LYS B 404 -23.74 14.98 13.27
CA LYS B 404 -24.36 14.50 14.50
C LYS B 404 -25.04 13.18 14.19
N ASP B 405 -24.61 12.11 14.85
CA ASP B 405 -25.13 10.76 14.58
C ASP B 405 -25.18 10.49 13.07
N ALA B 406 -24.05 10.78 12.42
CA ALA B 406 -23.78 10.46 11.02
C ALA B 406 -24.60 11.26 10.01
N VAL B 407 -25.29 12.30 10.49
CA VAL B 407 -25.98 13.22 9.60
C VAL B 407 -25.21 14.53 9.56
N PRO B 408 -24.87 15.01 8.35
CA PRO B 408 -24.11 16.26 8.31
C PRO B 408 -24.92 17.43 8.84
N LEU B 409 -24.25 18.32 9.56
CA LEU B 409 -24.93 19.48 10.13
C LEU B 409 -25.48 20.37 9.01
N SER B 410 -24.87 20.27 7.84
CA SER B 410 -25.33 21.04 6.68
C SER B 410 -26.69 20.55 6.15
N LYS B 411 -27.06 19.33 6.52
CA LYS B 411 -28.40 18.80 6.22
C LYS B 411 -29.37 19.00 7.38
N LEU B 412 -28.89 18.84 8.60
CA LEU B 412 -29.84 19.04 9.69
C LEU B 412 -30.24 20.51 9.81
N GLN B 413 -29.36 21.45 9.47
CA GLN B 413 -29.65 22.88 9.53
C GLN B 413 -30.31 23.28 10.85
N ASN B 414 -29.78 22.77 11.96
CA ASN B 414 -30.24 23.12 13.29
C ASN B 414 -29.74 24.51 13.67
N PRO B 415 -30.66 25.46 13.93
CA PRO B 415 -30.27 26.85 14.17
C PRO B 415 -29.57 27.05 15.53
N ARG B 416 -29.61 26.04 16.38
CA ARG B 416 -28.88 26.10 17.64
C ARG B 416 -27.43 25.63 17.48
N TYR B 417 -27.11 25.03 16.34
CA TYR B 417 -25.76 24.54 16.09
C TYR B 417 -24.97 25.55 15.26
N LYS B 418 -23.92 26.09 15.82
CA LYS B 418 -23.09 27.02 15.10
C LYS B 418 -21.66 26.52 14.94
N VAL B 419 -21.21 26.40 13.71
CA VAL B 419 -19.86 25.99 13.42
C VAL B 419 -19.00 27.25 13.41
N LEU B 420 -18.08 27.33 14.37
CA LEU B 420 -17.19 28.49 14.48
C LEU B 420 -16.18 28.51 13.33
N PRO B 421 -15.28 29.56 13.34
CA PRO B 421 -14.32 29.55 12.23
C PRO B 421 -12.98 28.96 12.63
N SER B 422 -12.91 28.40 13.84
CA SER B 422 -11.68 27.81 14.34
C SER B 422 -11.70 26.29 14.19
N GLY B 423 -12.90 25.74 14.02
CA GLY B 423 -13.07 24.30 13.86
C GLY B 423 -13.99 23.70 14.91
N GLY B 424 -14.20 24.45 15.99
CA GLY B 424 -15.07 24.00 17.07
C GLY B 424 -16.53 24.31 16.82
N LEU B 425 -17.41 23.57 17.47
CA LEU B 425 -18.86 23.78 17.32
C LEU B 425 -19.46 24.34 18.60
N HIS B 426 -20.42 25.25 18.43
CA HIS B 426 -21.08 25.87 19.57
C HIS B 426 -22.58 25.53 19.56
N ILE B 427 -23.06 24.98 20.67
CA ILE B 427 -24.46 24.62 20.78
C ILE B 427 -25.18 25.50 21.78
N GLN B 428 -26.23 26.17 21.30
CA GLN B 428 -27.08 27.00 22.15
C GLN B 428 -28.12 26.13 22.83
N LYS B 429 -28.42 26.48 24.08
CA LYS B 429 -29.52 25.89 24.86
C LYS B 429 -29.69 24.39 24.63
N LEU B 430 -28.83 23.61 25.25
CA LEU B 430 -28.85 22.16 25.12
C LEU B 430 -30.22 21.57 25.43
N SER B 431 -30.59 20.57 24.63
CA SER B 431 -31.82 19.82 24.84
C SER B 431 -31.45 18.34 24.93
N PRO B 432 -32.30 17.52 25.55
CA PRO B 432 -31.97 16.09 25.67
C PRO B 432 -31.72 15.39 24.34
N GLU B 433 -32.26 15.92 23.25
CA GLU B 433 -32.06 15.24 21.96
C GLU B 433 -30.68 15.57 21.38
N ASP B 434 -29.97 16.51 21.98
CA ASP B 434 -28.60 16.80 21.60
C ASP B 434 -27.64 15.69 22.03
N SER B 435 -28.09 14.81 22.92
CA SER B 435 -27.30 13.64 23.28
C SER B 435 -26.98 12.79 22.05
N GLY B 436 -25.75 12.28 21.97
CA GLY B 436 -25.38 11.48 20.83
C GLY B 436 -23.94 11.71 20.42
N ILE B 437 -23.58 11.24 19.25
CA ILE B 437 -22.21 11.35 18.79
C ILE B 437 -22.04 12.57 17.89
N PHE B 438 -21.06 13.40 18.20
CA PHE B 438 -20.69 14.50 17.32
C PHE B 438 -19.34 14.19 16.72
N GLN B 439 -19.24 14.33 15.41
CA GLN B 439 -18.07 13.85 14.72
C GLN B 439 -17.54 14.96 13.82
N CYS B 440 -16.23 15.19 13.86
CA CYS B 440 -15.59 16.24 13.07
C CYS B 440 -14.61 15.61 12.09
N PHE B 441 -14.81 15.85 10.79
CA PHE B 441 -13.90 15.36 9.77
C PHE B 441 -13.03 16.50 9.25
N ALA B 442 -11.73 16.26 9.12
CA ALA B 442 -10.83 17.24 8.50
C ALA B 442 -10.26 16.69 7.21
N SER B 443 -10.36 17.45 6.12
CA SER B 443 -9.94 16.91 4.83
C SER B 443 -9.21 17.90 3.94
N ASN B 444 -8.25 17.39 3.19
CA ASN B 444 -7.70 18.11 2.06
C ASN B 444 -7.33 17.11 0.99
N GLU B 445 -6.67 17.56 -0.07
CA GLU B 445 -6.33 16.67 -1.18
C GLU B 445 -5.46 15.48 -0.76
N GLY B 446 -4.79 15.59 0.39
CA GLY B 446 -3.91 14.53 0.85
C GLY B 446 -4.53 13.46 1.72
N GLY B 447 -5.75 13.70 2.20
CA GLY B 447 -6.39 12.74 3.07
C GLY B 447 -7.47 13.34 3.95
N GLU B 448 -8.06 12.47 4.77
CA GLU B 448 -9.15 12.83 5.66
C GLU B 448 -8.93 12.12 6.99
N VAL B 449 -9.17 12.84 8.07
CA VAL B 449 -9.09 12.26 9.40
C VAL B 449 -10.38 12.62 10.10
N GLN B 450 -10.73 11.88 11.15
CA GLN B 450 -11.91 12.18 11.92
C GLN B 450 -11.63 12.06 13.41
N THR B 451 -12.45 12.76 14.18
CA THR B 451 -12.45 12.66 15.62
C THR B 451 -13.89 12.77 16.08
N HIS B 452 -14.21 12.19 17.22
CA HIS B 452 -15.59 12.31 17.68
C HIS B 452 -15.68 12.29 19.19
N THR B 453 -16.87 12.64 19.67
CA THR B 453 -17.17 12.64 21.08
C THR B 453 -18.60 12.13 21.26
N TYR B 454 -18.85 11.54 22.43
CA TYR B 454 -20.22 11.24 22.83
C TYR B 454 -20.67 12.31 23.84
N LEU B 455 -21.72 13.05 23.48
CA LEU B 455 -22.31 14.05 24.35
C LEU B 455 -23.51 13.47 25.10
N ASP B 456 -23.47 13.56 26.42
CA ASP B 456 -24.58 13.14 27.26
C ASP B 456 -25.16 14.37 27.95
N VAL B 457 -26.41 14.71 27.59
CA VAL B 457 -27.08 15.86 28.16
C VAL B 457 -28.02 15.41 29.27
N THR B 458 -27.81 15.94 30.47
CA THR B 458 -28.64 15.58 31.63
C THR B 458 -29.40 16.78 32.18
#